data_8D19
#
_entry.id   8D19
#
_cell.length_a   55.505
_cell.length_b   121.134
_cell.length_c   142.895
_cell.angle_alpha   90.00
_cell.angle_beta   90.00
_cell.angle_gamma   90.00
#
_symmetry.space_group_name_H-M   'P 21 21 21'
#
loop_
_entity.id
_entity.type
_entity.pdbx_description
1 polymer 'Glutathione S-transferase LANCL1'
2 non-polymer 'ZINC ION'
3 non-polymer GLUTATHIONE
4 water water
#
_entity_poly.entity_id   1
_entity_poly.type   'polypeptide(L)'
_entity_poly.pdbx_seq_one_letter_code
;MGSSHHHHHHSSGLVPRGSHMAQRAFPNPYADYNKSLAEGYFDAAGRLTPEFSQRLTNKIRELLQQMERGLKSADPRDGT
GYTGWAGIAVLYLHLYDVFGDPAYLQLAHGYVKQSLNCLTKRSITFLCGDAGPLAVAAVLYHKMNNEKQAEDCITRLIHL
NKIDPHAPNEMLYGRIGYIYALLFVNKNFGVEKIPQSHIQQICETILTSGENLARKRNFTAKSPLMYEWYQEYYVGAAHG
LAGIYYYLMQPSLQVSQGKLHSLVKPSVDYVCQLKFPSGNYPPCIGDNRDLLVHWCHGAPGVIYMLIQAYKVFREEKYLC
DAYQCADVIWQYGLLKKGYGLCHGSAGNAYAFLTLYNLTQDMKYLYRACKFAEWCLEYGEHGCRTPDTPFSLFEGMAGTI
YFLADLLVPTKARFPAFEL
;
_entity_poly.pdbx_strand_id   A,B
#
loop_
_chem_comp.id
_chem_comp.type
_chem_comp.name
_chem_comp.formula
GSH non-polymer GLUTATHIONE 'C10 H17 N3 O6 S'
ZN non-polymer 'ZINC ION' 'Zn 2'
#
# COMPACT_ATOMS: atom_id res chain seq x y z
N HIS A 20 -14.98 25.73 -8.49
CA HIS A 20 -14.86 24.26 -8.69
C HIS A 20 -15.42 23.51 -7.49
N MET A 21 -15.62 24.24 -6.37
CA MET A 21 -16.14 23.67 -5.13
C MET A 21 -17.50 23.01 -5.36
N ALA A 22 -18.30 23.61 -6.25
CA ALA A 22 -19.65 23.15 -6.52
C ALA A 22 -19.66 21.73 -7.08
N GLN A 23 -18.58 21.37 -7.80
CA GLN A 23 -18.47 20.07 -8.45
C GLN A 23 -18.35 18.97 -7.41
N ARG A 24 -17.84 19.34 -6.23
CA ARG A 24 -17.48 18.37 -5.21
C ARG A 24 -18.59 18.22 -4.17
N ALA A 25 -19.62 19.07 -4.24
CA ALA A 25 -20.66 19.11 -3.23
C ALA A 25 -22.03 18.89 -3.85
N PHE A 26 -22.95 18.36 -3.04
CA PHE A 26 -24.37 18.40 -3.34
C PHE A 26 -24.89 19.78 -3.00
N PRO A 27 -25.90 20.31 -3.75
CA PRO A 27 -26.58 21.54 -3.35
C PRO A 27 -27.20 21.37 -1.97
N ASN A 28 -27.03 22.38 -1.12
CA ASN A 28 -27.60 22.36 0.22
C ASN A 28 -29.11 22.54 0.10
N PRO A 29 -29.91 21.53 0.49
CA PRO A 29 -31.37 21.59 0.30
C PRO A 29 -32.11 22.33 1.42
N TYR A 30 -31.35 22.76 2.45
CA TYR A 30 -31.94 23.24 3.69
C TYR A 30 -31.99 24.77 3.69
N ALA A 31 -33.04 25.31 4.32
CA ALA A 31 -33.14 26.73 4.62
C ALA A 31 -32.18 27.05 5.76
N ASP A 32 -31.64 28.27 5.75
CA ASP A 32 -30.76 28.73 6.83
C ASP A 32 -31.59 29.01 8.08
N TYR A 33 -30.90 29.35 9.17
CA TYR A 33 -31.46 29.47 10.51
C TYR A 33 -32.58 30.52 10.55
N ASN A 34 -33.66 30.15 11.23
CA ASN A 34 -34.56 31.10 11.88
C ASN A 34 -35.12 30.43 13.14
N LYS A 35 -35.69 31.24 14.04
CA LYS A 35 -36.17 30.75 15.33
C LYS A 35 -37.21 29.65 15.14
N SER A 36 -38.03 29.77 14.09
CA SER A 36 -39.14 28.86 13.85
C SER A 36 -38.63 27.47 13.49
N LEU A 37 -37.71 27.41 12.52
CA LEU A 37 -37.15 26.16 12.04
C LEU A 37 -36.30 25.50 13.11
N ALA A 38 -35.71 26.32 14.00
CA ALA A 38 -34.74 25.83 14.97
C ALA A 38 -35.44 25.13 16.14
N GLU A 39 -36.73 25.45 16.36
CA GLU A 39 -37.45 25.01 17.54
C GLU A 39 -37.60 23.49 17.57
N GLY A 40 -37.62 22.87 16.39
CA GLY A 40 -37.73 21.42 16.29
C GLY A 40 -36.46 20.70 16.75
N TYR A 41 -35.33 21.43 16.75
CA TYR A 41 -34.02 20.84 17.01
C TYR A 41 -33.57 21.12 18.44
N PHE A 42 -33.76 22.36 18.90
CA PHE A 42 -33.30 22.74 20.22
C PHE A 42 -34.15 23.88 20.79
N ASP A 43 -34.12 24.00 22.12
CA ASP A 43 -34.87 25.02 22.84
C ASP A 43 -34.10 26.33 22.83
N ALA A 44 -34.60 27.31 23.60
CA ALA A 44 -34.03 28.65 23.60
C ALA A 44 -32.66 28.67 24.29
N ALA A 45 -32.35 27.59 25.01
CA ALA A 45 -31.08 27.46 25.72
C ALA A 45 -30.07 26.63 24.92
N GLY A 46 -30.44 26.20 23.72
CA GLY A 46 -29.56 25.42 22.85
C GLY A 46 -29.50 23.94 23.23
N ARG A 47 -30.42 23.49 24.09
CA ARG A 47 -30.49 22.10 24.50
C ARG A 47 -31.34 21.36 23.48
N LEU A 48 -30.85 20.21 22.97
CA LEU A 48 -31.59 19.49 21.94
C LEU A 48 -32.95 19.04 22.49
N THR A 49 -33.96 19.05 21.62
CA THR A 49 -35.26 18.51 21.97
C THR A 49 -35.14 17.02 22.24
N PRO A 50 -35.95 16.46 23.16
CA PRO A 50 -36.01 15.00 23.35
C PRO A 50 -36.24 14.23 22.04
N GLU A 51 -37.08 14.78 21.16
CA GLU A 51 -37.42 14.11 19.89
C GLU A 51 -36.18 14.01 19.00
N PHE A 52 -35.48 15.14 18.82
CA PHE A 52 -34.30 15.15 17.95
C PHE A 52 -33.19 14.31 18.57
N SER A 53 -33.01 14.41 19.90
CA SER A 53 -32.05 13.59 20.62
C SER A 53 -32.31 12.11 20.34
N GLN A 54 -33.59 11.71 20.35
CA GLN A 54 -33.94 10.31 20.18
C GLN A 54 -33.68 9.87 18.74
N ARG A 55 -33.93 10.76 17.77
CA ARG A 55 -33.69 10.47 16.38
C ARG A 55 -32.20 10.24 16.13
N LEU A 56 -31.36 11.07 16.77
CA LEU A 56 -29.92 10.87 16.69
C LEU A 56 -29.55 9.52 17.28
N THR A 57 -30.10 9.23 18.48
CA THR A 57 -29.81 8.00 19.21
C THR A 57 -30.21 6.79 18.36
N ASN A 58 -31.37 6.87 17.70
CA ASN A 58 -31.87 5.77 16.90
C ASN A 58 -30.93 5.49 15.73
N LYS A 59 -30.41 6.55 15.11
CA LYS A 59 -29.52 6.39 13.97
C LYS A 59 -28.18 5.85 14.42
N ILE A 60 -27.69 6.32 15.57
CA ILE A 60 -26.47 5.80 16.16
C ILE A 60 -26.57 4.28 16.31
N ARG A 61 -27.69 3.80 16.87
CA ARG A 61 -27.87 2.39 17.13
C ARG A 61 -27.89 1.61 15.81
N GLU A 62 -28.55 2.17 14.79
CA GLU A 62 -28.67 1.54 13.50
C GLU A 62 -27.30 1.42 12.84
N LEU A 63 -26.56 2.53 12.83
CA LEU A 63 -25.25 2.56 12.17
C LEU A 63 -24.23 1.70 12.90
N LEU A 64 -24.31 1.64 14.24
CA LEU A 64 -23.38 0.81 15.01
C LEU A 64 -23.48 -0.65 14.56
N GLN A 65 -24.70 -1.13 14.30
CA GLN A 65 -24.90 -2.50 13.84
C GLN A 65 -24.18 -2.72 12.52
N GLN A 66 -24.32 -1.76 11.59
CA GLN A 66 -23.69 -1.85 10.28
C GLN A 66 -22.17 -1.79 10.43
N MET A 67 -21.69 -0.93 11.32
CA MET A 67 -20.25 -0.75 11.53
C MET A 67 -19.63 -2.03 12.09
N GLU A 68 -20.31 -2.63 13.08
CA GLU A 68 -19.82 -3.85 13.69
C GLU A 68 -19.67 -4.96 12.64
N ARG A 69 -20.66 -5.08 11.76
CA ARG A 69 -20.63 -6.10 10.72
C ARG A 69 -19.53 -5.79 9.71
N GLY A 70 -19.44 -4.53 9.30
CA GLY A 70 -18.48 -4.10 8.30
C GLY A 70 -17.03 -4.30 8.75
N LEU A 71 -16.77 -4.07 10.04
CA LEU A 71 -15.42 -4.17 10.58
C LEU A 71 -14.92 -5.61 10.58
N LYS A 72 -15.81 -6.58 10.42
CA LYS A 72 -15.37 -7.97 10.34
C LYS A 72 -14.48 -8.15 9.11
N SER A 73 -14.61 -7.26 8.13
CA SER A 73 -13.85 -7.37 6.89
C SER A 73 -12.67 -6.39 6.85
N ALA A 74 -12.46 -5.64 7.93
CA ALA A 74 -11.39 -4.64 7.92
C ALA A 74 -10.01 -5.31 8.04
N ASP A 75 -8.98 -4.61 7.56
CA ASP A 75 -7.61 -5.09 7.57
C ASP A 75 -7.18 -5.39 8.99
N PRO A 76 -6.81 -6.65 9.34
CA PRO A 76 -6.35 -6.98 10.69
C PRO A 76 -5.14 -6.17 11.16
N ARG A 77 -4.32 -5.69 10.22
CA ARG A 77 -3.01 -5.15 10.53
C ARG A 77 -3.07 -3.67 10.97
N ASP A 78 -4.13 -2.97 10.57
CA ASP A 78 -4.20 -1.52 10.75
C ASP A 78 -4.85 -1.22 12.10
N GLY A 79 -4.02 -0.84 13.08
CA GLY A 79 -4.51 -0.55 14.41
C GLY A 79 -4.66 0.95 14.68
N THR A 80 -4.51 1.78 13.66
CA THR A 80 -4.38 3.22 13.86
C THR A 80 -5.70 3.90 14.22
N GLY A 81 -5.60 5.10 14.78
CA GLY A 81 -6.78 5.91 15.03
C GLY A 81 -7.49 6.32 13.73
N TYR A 82 -6.70 6.69 12.71
CA TYR A 82 -7.23 7.26 11.50
C TYR A 82 -8.09 6.24 10.75
N THR A 83 -7.54 5.05 10.51
CA THR A 83 -8.22 4.08 9.64
C THR A 83 -8.46 2.73 10.29
N GLY A 84 -7.96 2.50 11.52
CA GLY A 84 -7.97 1.17 12.09
C GLY A 84 -8.56 1.07 13.50
N TRP A 85 -8.07 0.08 14.25
CA TRP A 85 -8.77 -0.42 15.42
C TRP A 85 -8.82 0.61 16.55
N ALA A 86 -7.72 1.35 16.76
CA ALA A 86 -7.72 2.29 17.87
C ALA A 86 -8.78 3.37 17.67
N GLY A 87 -9.09 3.70 16.41
CA GLY A 87 -10.12 4.70 16.15
C GLY A 87 -11.51 4.20 16.51
N ILE A 88 -11.74 2.90 16.34
CA ILE A 88 -13.01 2.31 16.75
C ILE A 88 -13.09 2.34 18.27
N ALA A 89 -11.97 2.10 18.94
CA ALA A 89 -11.92 2.19 20.40
C ALA A 89 -12.22 3.61 20.86
N VAL A 90 -11.69 4.61 20.15
CA VAL A 90 -11.98 6.01 20.42
C VAL A 90 -13.49 6.24 20.36
N LEU A 91 -14.15 5.70 19.32
CA LEU A 91 -15.60 5.86 19.21
C LEU A 91 -16.30 5.26 20.43
N TYR A 92 -15.92 4.04 20.80
CA TYR A 92 -16.62 3.34 21.88
C TYR A 92 -16.38 4.00 23.24
N LEU A 93 -15.17 4.53 23.46
CA LEU A 93 -14.92 5.25 24.71
C LEU A 93 -15.84 6.47 24.77
N HIS A 94 -16.00 7.15 23.64
CA HIS A 94 -16.88 8.31 23.53
C HIS A 94 -18.34 7.91 23.80
N LEU A 95 -18.79 6.81 23.18
CA LEU A 95 -20.16 6.37 23.37
C LEU A 95 -20.39 5.98 24.83
N TYR A 96 -19.38 5.38 25.47
CA TYR A 96 -19.48 5.04 26.87
C TYR A 96 -19.70 6.31 27.71
N ASP A 97 -18.97 7.37 27.37
CA ASP A 97 -19.06 8.63 28.08
CA ASP A 97 -19.05 8.65 28.06
C ASP A 97 -20.42 9.27 27.85
N VAL A 98 -20.94 9.15 26.62
CA VAL A 98 -22.20 9.80 26.25
C VAL A 98 -23.37 9.05 26.89
N PHE A 99 -23.37 7.72 26.78
CA PHE A 99 -24.56 6.93 27.06
C PHE A 99 -24.44 6.18 28.39
N GLY A 100 -23.22 5.84 28.80
CA GLY A 100 -22.99 5.17 30.07
C GLY A 100 -23.23 3.67 30.01
N ASP A 101 -23.47 3.12 28.82
CA ASP A 101 -23.72 1.71 28.63
C ASP A 101 -22.40 0.96 28.79
N PRO A 102 -22.27 0.05 29.79
CA PRO A 102 -21.01 -0.68 30.00
C PRO A 102 -20.59 -1.49 28.78
N ALA A 103 -21.56 -1.86 27.95
CA ALA A 103 -21.31 -2.66 26.76
C ALA A 103 -20.37 -1.93 25.81
N TYR A 104 -20.47 -0.59 25.79
CA TYR A 104 -19.63 0.23 24.94
C TYR A 104 -18.18 0.19 25.43
N LEU A 105 -18.00 0.17 26.76
CA LEU A 105 -16.65 0.11 27.30
C LEU A 105 -16.03 -1.25 26.96
N GLN A 106 -16.84 -2.31 26.99
CA GLN A 106 -16.37 -3.65 26.67
C GLN A 106 -15.96 -3.73 25.20
N LEU A 107 -16.77 -3.10 24.32
CA LEU A 107 -16.44 -3.06 22.90
C LEU A 107 -15.11 -2.32 22.72
N ALA A 108 -14.93 -1.22 23.47
CA ALA A 108 -13.69 -0.47 23.39
C ALA A 108 -12.50 -1.36 23.76
N HIS A 109 -12.67 -2.20 24.80
CA HIS A 109 -11.61 -3.07 25.26
C HIS A 109 -11.18 -4.02 24.14
N GLY A 110 -12.17 -4.61 23.44
CA GLY A 110 -11.88 -5.53 22.36
C GLY A 110 -11.02 -4.88 21.27
N TYR A 111 -11.42 -3.66 20.88
CA TYR A 111 -10.73 -2.95 19.82
C TYR A 111 -9.34 -2.49 20.27
N VAL A 112 -9.21 -2.08 21.54
CA VAL A 112 -7.93 -1.74 22.13
C VAL A 112 -6.98 -2.93 22.01
N LYS A 113 -7.48 -4.12 22.37
CA LYS A 113 -6.67 -5.33 22.34
C LYS A 113 -6.19 -5.62 20.93
N GLN A 114 -7.08 -5.47 19.94
CA GLN A 114 -6.71 -5.64 18.55
C GLN A 114 -5.60 -4.67 18.20
N SER A 115 -5.78 -3.39 18.58
CA SER A 115 -4.86 -2.34 18.19
C SER A 115 -3.45 -2.57 18.75
N LEU A 116 -3.37 -3.15 19.97
CA LEU A 116 -2.09 -3.33 20.62
C LEU A 116 -1.29 -4.46 19.96
N ASN A 117 -1.96 -5.26 19.12
CA ASN A 117 -1.28 -6.32 18.38
C ASN A 117 -0.83 -5.82 17.01
N CYS A 118 -0.94 -4.50 16.77
CA CYS A 118 -0.73 -3.93 15.44
C CYS A 118 0.35 -2.86 15.43
N LEU A 119 1.11 -2.71 16.52
CA LEU A 119 2.12 -1.67 16.57
C LEU A 119 3.16 -1.96 15.49
N THR A 120 3.53 -0.91 14.73
CA THR A 120 4.38 -1.09 13.57
C THR A 120 5.75 -0.42 13.79
N LYS A 121 5.83 0.44 14.82
CA LYS A 121 7.04 1.12 15.23
C LYS A 121 7.52 2.11 14.16
N ARG A 122 6.59 2.57 13.30
CA ARG A 122 6.97 3.43 12.19
C ARG A 122 6.60 4.90 12.44
N SER A 123 5.60 5.15 13.29
CA SER A 123 5.08 6.49 13.49
CA SER A 123 5.08 6.49 13.49
C SER A 123 4.75 6.75 14.95
N ILE A 124 4.73 8.04 15.33
CA ILE A 124 4.62 8.47 16.71
C ILE A 124 3.25 9.07 17.03
N THR A 125 2.34 9.17 16.05
CA THR A 125 1.17 10.02 16.27
C THR A 125 -0.04 9.24 16.79
N PHE A 126 -0.96 9.99 17.38
CA PHE A 126 -2.24 9.45 17.82
C PHE A 126 -3.02 8.88 16.64
N LEU A 127 -2.99 9.58 15.49
CA LEU A 127 -3.84 9.17 14.38
C LEU A 127 -3.22 8.07 13.52
N CYS A 128 -1.90 8.09 13.32
CA CYS A 128 -1.33 7.21 12.31
C CYS A 128 -0.18 6.38 12.85
N GLY A 129 0.08 6.49 14.15
CA GLY A 129 1.24 5.85 14.76
C GLY A 129 0.89 5.01 15.98
N ASP A 130 1.94 4.61 16.72
CA ASP A 130 1.76 3.70 17.83
C ASP A 130 1.17 4.42 19.04
N ALA A 131 1.18 5.76 19.03
CA ALA A 131 0.69 6.54 20.16
C ALA A 131 -0.83 6.40 20.31
N GLY A 132 -1.53 6.16 19.20
CA GLY A 132 -2.98 6.01 19.26
C GLY A 132 -3.36 4.80 20.10
N PRO A 133 -2.97 3.57 19.68
CA PRO A 133 -3.19 2.38 20.49
C PRO A 133 -2.75 2.54 21.95
N LEU A 134 -1.57 3.12 22.18
CA LEU A 134 -1.05 3.19 23.54
C LEU A 134 -1.85 4.16 24.42
N ALA A 135 -2.17 5.35 23.87
CA ALA A 135 -2.87 6.36 24.64
C ALA A 135 -4.30 5.91 24.90
N VAL A 136 -4.95 5.34 23.87
CA VAL A 136 -6.33 4.90 24.00
C VAL A 136 -6.38 3.73 24.98
N ALA A 137 -5.40 2.82 24.89
CA ALA A 137 -5.35 1.68 25.80
C ALA A 137 -5.17 2.16 27.25
N ALA A 138 -4.28 3.14 27.45
CA ALA A 138 -4.05 3.69 28.78
C ALA A 138 -5.37 4.14 29.40
N VAL A 139 -6.19 4.84 28.60
CA VAL A 139 -7.45 5.40 29.08
C VAL A 139 -8.47 4.30 29.32
N LEU A 140 -8.56 3.35 28.38
CA LEU A 140 -9.49 2.24 28.49
C LEU A 140 -9.17 1.44 29.77
N TYR A 141 -7.89 1.12 29.97
CA TYR A 141 -7.52 0.33 31.13
C TYR A 141 -7.84 1.09 32.43
N HIS A 142 -7.60 2.40 32.42
CA HIS A 142 -7.91 3.25 33.56
C HIS A 142 -9.40 3.20 33.90
N LYS A 143 -10.24 3.26 32.86
CA LYS A 143 -11.68 3.25 33.04
C LYS A 143 -12.17 1.89 33.51
N MET A 144 -11.35 0.85 33.32
CA MET A 144 -11.69 -0.49 33.78
C MET A 144 -10.92 -0.84 35.05
N ASN A 145 -10.32 0.16 35.70
CA ASN A 145 -9.66 0.00 36.99
C ASN A 145 -8.49 -0.98 36.89
N ASN A 146 -7.81 -0.97 35.73
CA ASN A 146 -6.67 -1.84 35.53
C ASN A 146 -5.40 -0.99 35.56
N GLU A 147 -4.87 -0.78 36.77
CA GLU A 147 -3.79 0.16 36.97
C GLU A 147 -2.51 -0.32 36.28
N LYS A 148 -2.19 -1.62 36.41
CA LYS A 148 -0.94 -2.14 35.87
C LYS A 148 -0.87 -1.88 34.37
N GLN A 149 -1.94 -2.26 33.65
CA GLN A 149 -1.93 -2.14 32.20
C GLN A 149 -1.97 -0.67 31.78
N ALA A 150 -2.73 0.15 32.52
CA ALA A 150 -2.78 1.58 32.22
C ALA A 150 -1.38 2.20 32.32
N GLU A 151 -0.69 1.90 33.43
CA GLU A 151 0.62 2.47 33.68
C GLU A 151 1.64 1.98 32.66
N ASP A 152 1.55 0.70 32.26
CA ASP A 152 2.47 0.12 31.31
C ASP A 152 2.32 0.83 29.96
N CYS A 153 1.08 1.14 29.59
CA CYS A 153 0.80 1.81 28.33
C CYS A 153 1.36 3.24 28.35
N ILE A 154 1.23 3.92 29.49
CA ILE A 154 1.75 5.28 29.62
C ILE A 154 3.28 5.26 29.49
N THR A 155 3.94 4.29 30.12
CA THR A 155 5.39 4.18 30.04
C THR A 155 5.83 4.05 28.57
N ARG A 156 5.15 3.19 27.83
CA ARG A 156 5.48 2.93 26.44
C ARG A 156 5.22 4.18 25.60
N LEU A 157 4.12 4.88 25.90
CA LEU A 157 3.77 6.11 25.19
C LEU A 157 4.87 7.15 25.35
N ILE A 158 5.37 7.29 26.59
CA ILE A 158 6.38 8.29 26.91
C ILE A 158 7.67 7.95 26.17
N HIS A 159 7.97 6.65 26.03
CA HIS A 159 9.21 6.14 25.47
C HIS A 159 9.20 6.27 23.95
N LEU A 160 8.02 6.49 23.38
CA LEU A 160 7.84 6.48 21.93
C LEU A 160 8.53 7.70 21.31
N ASN A 161 8.78 8.71 22.15
CA ASN A 161 9.37 9.99 21.77
C ASN A 161 10.88 9.83 21.59
N LYS A 162 11.33 9.70 20.34
CA LYS A 162 12.75 9.61 20.06
C LYS A 162 13.22 10.91 19.41
N ILE A 163 14.49 11.27 19.66
CA ILE A 163 15.13 12.40 19.01
C ILE A 163 15.19 12.13 17.50
N ASP A 164 14.62 13.04 16.73
CA ASP A 164 14.49 12.88 15.29
C ASP A 164 14.44 14.26 14.64
N PRO A 165 15.54 14.74 14.03
CA PRO A 165 15.58 16.07 13.41
C PRO A 165 14.80 16.15 12.11
N HIS A 166 14.40 14.99 11.57
CA HIS A 166 13.73 14.90 10.28
C HIS A 166 12.23 14.66 10.45
N ALA A 167 11.79 14.42 11.69
CA ALA A 167 10.38 14.19 11.99
C ALA A 167 9.57 15.42 11.62
N PRO A 168 8.39 15.27 10.97
CA PRO A 168 7.59 16.43 10.60
C PRO A 168 6.90 17.00 11.85
N ASN A 169 6.20 18.12 11.65
CA ASN A 169 5.63 18.86 12.77
C ASN A 169 4.11 18.73 12.82
N GLU A 170 3.51 18.09 11.80
CA GLU A 170 2.09 18.18 11.55
C GLU A 170 1.31 17.09 12.28
N MET A 171 0.01 17.01 12.01
CA MET A 171 -0.93 16.28 12.85
C MET A 171 -0.87 14.78 12.62
N LEU A 172 -0.79 14.33 11.35
CA LEU A 172 -0.97 12.91 11.07
C LEU A 172 0.32 12.12 11.30
N TYR A 173 1.49 12.75 11.08
CA TYR A 173 2.74 12.00 11.16
C TYR A 173 3.80 12.70 11.99
N GLY A 174 3.46 13.86 12.56
CA GLY A 174 4.49 14.71 13.16
C GLY A 174 4.28 15.01 14.64
N ARG A 175 5.02 16.02 15.11
CA ARG A 175 5.17 16.27 16.53
C ARG A 175 3.84 16.61 17.21
N ILE A 176 2.97 17.40 16.57
CA ILE A 176 1.75 17.80 17.26
C ILE A 176 0.82 16.58 17.42
N GLY A 177 0.96 15.59 16.54
CA GLY A 177 0.16 14.39 16.62
C GLY A 177 0.57 13.51 17.80
N TYR A 178 1.86 13.57 18.16
CA TYR A 178 2.34 12.90 19.36
C TYR A 178 1.88 13.68 20.59
N ILE A 179 1.99 15.01 20.54
CA ILE A 179 1.51 15.84 21.64
C ILE A 179 0.05 15.52 21.94
N TYR A 180 -0.79 15.37 20.89
CA TYR A 180 -2.19 15.09 21.13
C TYR A 180 -2.36 13.86 22.01
N ALA A 181 -1.58 12.79 21.74
CA ALA A 181 -1.73 11.56 22.53
C ALA A 181 -1.45 11.83 24.01
N LEU A 182 -0.43 12.64 24.28
CA LEU A 182 -0.07 12.98 25.65
C LEU A 182 -1.22 13.75 26.31
N LEU A 183 -1.78 14.73 25.59
CA LEU A 183 -2.88 15.54 26.11
C LEU A 183 -4.12 14.68 26.35
N PHE A 184 -4.32 13.68 25.48
CA PHE A 184 -5.47 12.77 25.55
C PHE A 184 -5.44 11.99 26.85
N VAL A 185 -4.24 11.50 27.22
CA VAL A 185 -4.07 10.77 28.47
C VAL A 185 -4.35 11.71 29.65
N ASN A 186 -3.70 12.87 29.64
CA ASN A 186 -3.83 13.80 30.77
C ASN A 186 -5.28 14.20 30.98
N LYS A 187 -6.00 14.46 29.89
CA LYS A 187 -7.37 14.93 29.97
C LYS A 187 -8.27 13.85 30.59
N ASN A 188 -8.03 12.59 30.20
CA ASN A 188 -8.92 11.51 30.55
C ASN A 188 -8.64 11.01 31.97
N PHE A 189 -7.39 11.14 32.42
CA PHE A 189 -7.03 10.77 33.79
C PHE A 189 -7.38 11.89 34.75
N GLY A 190 -7.51 13.11 34.22
CA GLY A 190 -7.86 14.30 35.00
C GLY A 190 -6.69 14.79 35.85
N VAL A 191 -5.50 14.21 35.60
CA VAL A 191 -4.28 14.51 36.34
C VAL A 191 -3.12 14.56 35.34
N GLU A 192 -2.00 15.17 35.76
CA GLU A 192 -0.82 15.29 34.93
C GLU A 192 -0.02 13.98 34.98
N LYS A 193 -0.48 12.98 34.23
CA LYS A 193 0.17 11.68 34.15
C LYS A 193 1.46 11.79 33.36
N ILE A 194 1.40 12.55 32.26
CA ILE A 194 2.59 12.85 31.49
C ILE A 194 3.04 14.26 31.91
N PRO A 195 4.29 14.40 32.41
CA PRO A 195 4.78 15.68 32.90
C PRO A 195 4.74 16.74 31.82
N GLN A 196 4.38 17.96 32.21
CA GLN A 196 4.33 19.09 31.29
C GLN A 196 5.67 19.26 30.58
N SER A 197 6.77 18.92 31.26
CA SER A 197 8.11 19.13 30.71
C SER A 197 8.31 18.34 29.42
N HIS A 198 7.58 17.22 29.28
CA HIS A 198 7.66 16.40 28.09
CA HIS A 198 7.65 16.40 28.08
C HIS A 198 7.04 17.15 26.90
N ILE A 199 5.88 17.76 27.14
CA ILE A 199 5.19 18.56 26.14
C ILE A 199 6.03 19.79 25.79
N GLN A 200 6.59 20.42 26.84
CA GLN A 200 7.38 21.63 26.69
C GLN A 200 8.54 21.41 25.73
N GLN A 201 9.26 20.29 25.89
CA GLN A 201 10.45 20.02 25.10
C GLN A 201 10.08 19.85 23.61
N ILE A 202 8.93 19.22 23.35
CA ILE A 202 8.51 19.01 21.98
C ILE A 202 8.09 20.34 21.37
N CYS A 203 7.41 21.17 22.17
CA CYS A 203 6.98 22.48 21.73
CA CYS A 203 6.99 22.49 21.73
C CYS A 203 8.18 23.33 21.31
N GLU A 204 9.26 23.26 22.10
CA GLU A 204 10.48 23.99 21.80
C GLU A 204 11.03 23.55 20.45
N THR A 205 11.02 22.23 20.20
CA THR A 205 11.53 21.66 18.96
C THR A 205 10.70 22.18 17.77
N ILE A 206 9.38 22.21 17.93
CA ILE A 206 8.48 22.68 16.89
C ILE A 206 8.79 24.14 16.56
N LEU A 207 8.92 24.99 17.60
CA LEU A 207 9.18 26.40 17.37
C LEU A 207 10.53 26.60 16.70
N THR A 208 11.55 25.87 17.16
CA THR A 208 12.89 25.98 16.61
C THR A 208 12.89 25.57 15.13
N SER A 209 12.18 24.47 14.83
CA SER A 209 12.08 23.97 13.47
C SER A 209 11.44 25.03 12.56
N GLY A 210 10.36 25.66 13.05
CA GLY A 210 9.65 26.65 12.27
C GLY A 210 10.50 27.88 11.98
N GLU A 211 11.22 28.36 12.99
CA GLU A 211 12.06 29.53 12.83
C GLU A 211 13.16 29.23 11.83
N ASN A 212 13.75 28.02 11.93
CA ASN A 212 14.87 27.62 11.10
C ASN A 212 14.47 27.59 9.63
N LEU A 213 13.32 26.99 9.34
CA LEU A 213 12.90 26.87 7.94
C LEU A 213 12.54 28.24 7.38
N ALA A 214 11.87 29.07 8.19
CA ALA A 214 11.50 30.40 7.74
C ALA A 214 12.76 31.20 7.40
N ARG A 215 13.81 31.04 8.19
CA ARG A 215 15.06 31.77 7.99
C ARG A 215 15.73 31.28 6.70
N LYS A 216 15.77 29.96 6.53
CA LYS A 216 16.44 29.35 5.39
C LYS A 216 15.82 29.84 4.08
N ARG A 217 14.48 29.98 4.06
CA ARG A 217 13.73 30.28 2.85
C ARG A 217 13.40 31.77 2.75
N ASN A 218 13.85 32.55 3.76
CA ASN A 218 13.63 33.99 3.84
C ASN A 218 12.14 34.31 3.87
N PHE A 219 11.38 33.50 4.62
CA PHE A 219 9.98 33.79 4.89
C PHE A 219 9.83 34.81 6.01
N THR A 220 10.88 34.94 6.84
CA THR A 220 10.83 35.59 8.14
C THR A 220 9.97 36.87 8.14
N ALA A 221 10.20 37.74 7.15
CA ALA A 221 9.57 39.06 7.13
C ALA A 221 8.05 38.95 7.09
N LYS A 222 7.52 37.95 6.37
CA LYS A 222 6.09 37.78 6.23
C LYS A 222 5.57 36.72 7.20
N SER A 223 6.43 35.74 7.53
CA SER A 223 6.03 34.63 8.39
C SER A 223 7.25 34.14 9.18
N PRO A 224 7.37 34.49 10.47
CA PRO A 224 8.50 34.03 11.29
C PRO A 224 8.66 32.53 11.43
N LEU A 225 7.56 31.78 11.23
CA LEU A 225 7.60 30.32 11.25
C LEU A 225 7.21 29.78 9.88
N MET A 226 7.78 28.63 9.52
CA MET A 226 7.32 27.91 8.34
C MET A 226 7.54 26.41 8.56
N TYR A 227 6.61 25.62 8.01
CA TYR A 227 6.62 24.17 8.15
C TYR A 227 6.31 23.55 6.79
N GLU A 228 6.74 22.29 6.62
CA GLU A 228 6.48 21.56 5.38
C GLU A 228 6.34 20.07 5.67
N TRP A 229 5.63 19.39 4.78
CA TRP A 229 5.44 17.96 4.83
C TRP A 229 5.51 17.42 3.40
N TYR A 230 6.31 16.37 3.19
CA TYR A 230 6.57 15.83 1.87
C TYR A 230 6.85 16.96 0.86
N GLN A 231 7.74 17.87 1.28
CA GLN A 231 8.29 18.93 0.45
C GLN A 231 7.20 19.83 -0.13
N GLU A 232 6.14 20.08 0.66
CA GLU A 232 5.11 21.04 0.30
CA GLU A 232 5.14 21.07 0.29
C GLU A 232 4.72 21.85 1.53
N TYR A 233 4.41 23.13 1.32
CA TYR A 233 3.94 23.98 2.40
C TYR A 233 2.43 23.81 2.54
N TYR A 234 2.02 22.72 3.20
CA TYR A 234 0.61 22.48 3.45
C TYR A 234 0.05 23.55 4.39
N VAL A 235 -1.20 23.95 4.14
CA VAL A 235 -1.81 25.08 4.83
C VAL A 235 -2.78 24.60 5.92
N GLY A 236 -3.35 23.40 5.77
CA GLY A 236 -4.55 23.00 6.50
C GLY A 236 -4.29 22.27 7.81
N ALA A 237 -5.36 21.70 8.37
CA ALA A 237 -5.33 21.11 9.70
C ALA A 237 -4.54 19.79 9.73
N ALA A 238 -4.71 18.95 8.70
CA ALA A 238 -4.21 17.58 8.76
C ALA A 238 -2.69 17.56 8.66
N HIS A 239 -2.14 18.34 7.73
CA HIS A 239 -0.74 18.22 7.38
C HIS A 239 -0.03 19.57 7.41
N GLY A 240 -0.73 20.63 7.83
CA GLY A 240 -0.25 21.96 7.48
C GLY A 240 -0.21 22.98 8.62
N LEU A 241 -0.06 24.24 8.21
CA LEU A 241 0.21 25.37 9.10
C LEU A 241 -0.93 25.58 10.09
N ALA A 242 -2.18 25.46 9.61
CA ALA A 242 -3.34 25.77 10.45
C ALA A 242 -3.40 24.83 11.65
N GLY A 243 -3.06 23.55 11.43
CA GLY A 243 -3.04 22.59 12.51
C GLY A 243 -1.96 22.91 13.53
N ILE A 244 -0.74 23.20 13.02
CA ILE A 244 0.39 23.50 13.88
C ILE A 244 0.12 24.76 14.69
N TYR A 245 -0.39 25.82 14.05
CA TYR A 245 -0.61 27.08 14.77
C TYR A 245 -1.76 26.94 15.76
N TYR A 246 -2.79 26.19 15.39
CA TYR A 246 -3.87 25.91 16.34
C TYR A 246 -3.26 25.35 17.63
N TYR A 247 -2.34 24.39 17.50
CA TYR A 247 -1.70 23.79 18.66
C TYR A 247 -0.81 24.79 19.42
N LEU A 248 0.00 25.55 18.68
CA LEU A 248 0.93 26.45 19.34
C LEU A 248 0.19 27.54 20.13
N MET A 249 -1.07 27.81 19.78
CA MET A 249 -1.87 28.83 20.44
C MET A 249 -2.65 28.24 21.62
N GLN A 250 -2.52 26.93 21.88
CA GLN A 250 -3.29 26.28 22.93
C GLN A 250 -2.62 26.49 24.29
N PRO A 251 -3.38 26.94 25.31
CA PRO A 251 -2.81 27.12 26.66
C PRO A 251 -2.12 25.86 27.18
N SER A 252 -2.60 24.68 26.78
CA SER A 252 -2.03 23.43 27.29
C SER A 252 -0.63 23.17 26.75
N LEU A 253 -0.20 23.91 25.72
CA LEU A 253 1.17 23.78 25.21
C LEU A 253 2.09 24.84 25.83
N GLN A 254 1.50 25.86 26.48
CA GLN A 254 2.19 26.80 27.36
C GLN A 254 3.28 27.61 26.64
N VAL A 255 3.07 27.89 25.35
CA VAL A 255 3.98 28.79 24.63
C VAL A 255 3.93 30.17 25.29
N SER A 256 5.11 30.77 25.48
CA SER A 256 5.24 32.04 26.18
C SER A 256 4.50 33.15 25.44
N GLN A 257 4.08 34.17 26.18
CA GLN A 257 3.45 35.36 25.61
C GLN A 257 4.38 35.97 24.56
N GLY A 258 5.68 36.00 24.85
CA GLY A 258 6.67 36.54 23.95
C GLY A 258 6.68 35.83 22.60
N LYS A 259 6.65 34.49 22.64
CA LYS A 259 6.71 33.74 21.39
C LYS A 259 5.35 33.76 20.69
N LEU A 260 4.26 33.78 21.46
CA LEU A 260 2.92 33.87 20.93
CA LEU A 260 2.93 33.86 20.90
C LEU A 260 2.81 35.10 20.03
N HIS A 261 3.32 36.24 20.51
CA HIS A 261 3.15 37.50 19.78
C HIS A 261 4.23 37.68 18.71
N SER A 262 5.46 37.25 19.01
CA SER A 262 6.57 37.54 18.11
C SER A 262 6.69 36.52 16.99
N LEU A 263 6.28 35.27 17.25
CA LEU A 263 6.45 34.22 16.25
C LEU A 263 5.10 33.71 15.73
N VAL A 264 4.20 33.33 16.65
CA VAL A 264 3.00 32.62 16.24
C VAL A 264 2.01 33.57 15.55
N LYS A 265 1.71 34.72 16.16
CA LYS A 265 0.68 35.57 15.61
C LYS A 265 0.99 35.99 14.16
N PRO A 266 2.18 36.52 13.82
CA PRO A 266 2.45 36.93 12.44
C PRO A 266 2.41 35.76 11.46
N SER A 267 2.71 34.56 11.95
CA SER A 267 2.65 33.36 11.14
C SER A 267 1.20 32.98 10.84
N VAL A 268 0.33 33.16 11.83
CA VAL A 268 -1.11 32.98 11.65
C VAL A 268 -1.62 34.00 10.64
N ASP A 269 -1.17 35.26 10.76
CA ASP A 269 -1.62 36.31 9.87
C ASP A 269 -1.24 35.98 8.43
N TYR A 270 -0.09 35.35 8.26
CA TYR A 270 0.35 34.94 6.93
C TYR A 270 -0.66 33.95 6.33
N VAL A 271 -1.10 32.99 7.14
CA VAL A 271 -2.07 31.99 6.67
C VAL A 271 -3.38 32.69 6.31
N CYS A 272 -3.80 33.66 7.14
CA CYS A 272 -5.05 34.35 6.91
C CYS A 272 -5.05 35.01 5.54
N GLN A 273 -3.88 35.49 5.11
CA GLN A 273 -3.70 36.24 3.88
C GLN A 273 -3.73 35.30 2.66
N LEU A 274 -3.75 33.98 2.89
CA LEU A 274 -3.75 33.00 1.80
C LEU A 274 -5.18 32.71 1.34
N LYS A 275 -6.17 33.25 2.05
CA LYS A 275 -7.59 32.98 1.82
C LYS A 275 -7.95 33.28 0.36
N PHE A 276 -8.72 32.37 -0.25
CA PHE A 276 -9.31 32.59 -1.55
C PHE A 276 -10.42 33.65 -1.44
N PRO A 277 -10.82 34.30 -2.55
CA PRO A 277 -11.98 35.20 -2.52
C PRO A 277 -13.25 34.56 -1.94
N SER A 278 -13.38 33.24 -2.12
CA SER A 278 -14.55 32.51 -1.67
C SER A 278 -14.61 32.42 -0.14
N GLY A 279 -13.44 32.51 0.50
CA GLY A 279 -13.32 32.32 1.94
C GLY A 279 -12.71 30.97 2.29
N ASN A 280 -12.49 30.14 1.26
CA ASN A 280 -11.80 28.87 1.41
C ASN A 280 -10.30 29.11 1.42
N TYR A 281 -9.52 28.06 1.70
CA TYR A 281 -8.07 28.14 1.77
C TYR A 281 -7.46 27.10 0.84
N PRO A 282 -6.30 27.43 0.22
CA PRO A 282 -5.58 26.49 -0.65
C PRO A 282 -5.00 25.34 0.16
N PRO A 283 -4.86 24.13 -0.42
CA PRO A 283 -4.22 23.02 0.27
C PRO A 283 -2.75 23.31 0.58
N CYS A 284 -2.05 23.91 -0.39
CA CYS A 284 -0.65 24.28 -0.23
C CYS A 284 -0.45 25.71 -0.70
N ILE A 285 0.56 26.38 -0.15
CA ILE A 285 0.90 27.73 -0.57
C ILE A 285 1.15 27.70 -2.08
N GLY A 286 0.45 28.59 -2.81
CA GLY A 286 0.67 28.74 -4.24
C GLY A 286 -0.37 28.03 -5.09
N ASP A 287 -1.21 27.19 -4.47
CA ASP A 287 -2.27 26.47 -5.16
C ASP A 287 -3.35 27.46 -5.58
N ASN A 288 -3.77 27.37 -6.85
CA ASN A 288 -4.69 28.33 -7.43
C ASN A 288 -6.11 27.78 -7.48
N ARG A 289 -6.25 26.44 -7.48
CA ARG A 289 -7.58 25.84 -7.63
C ARG A 289 -8.27 25.77 -6.28
N ASP A 290 -9.45 26.40 -6.21
CA ASP A 290 -10.29 26.46 -5.03
C ASP A 290 -11.31 25.33 -5.11
N LEU A 291 -10.99 24.19 -4.47
CA LEU A 291 -11.67 22.94 -4.79
C LEU A 291 -12.10 22.18 -3.54
N LEU A 292 -11.19 22.06 -2.56
CA LEU A 292 -11.38 21.13 -1.46
C LEU A 292 -11.94 21.85 -0.24
N VAL A 293 -13.11 21.37 0.22
CA VAL A 293 -13.73 21.85 1.44
C VAL A 293 -13.75 20.70 2.44
N HIS A 294 -12.59 20.47 3.07
CA HIS A 294 -12.35 19.33 3.93
C HIS A 294 -11.75 19.80 5.24
N TRP A 295 -11.86 18.97 6.28
CA TRP A 295 -11.02 19.17 7.45
C TRP A 295 -9.54 19.08 7.06
N CYS A 296 -9.18 18.12 6.21
CA CYS A 296 -7.76 17.92 5.94
C CYS A 296 -7.17 19.10 5.18
N HIS A 297 -7.96 19.64 4.23
CA HIS A 297 -7.56 20.72 3.34
C HIS A 297 -8.74 21.68 3.16
N GLY A 298 -8.53 22.96 3.48
CA GLY A 298 -9.56 23.98 3.28
C GLY A 298 -10.20 24.48 4.58
N ALA A 299 -11.29 25.25 4.40
CA ALA A 299 -11.93 26.00 5.46
C ALA A 299 -12.32 25.15 6.67
N PRO A 300 -12.88 23.92 6.51
CA PRO A 300 -13.28 23.12 7.68
C PRO A 300 -12.17 22.77 8.66
N GLY A 301 -10.90 22.85 8.21
CA GLY A 301 -9.77 22.63 9.10
C GLY A 301 -9.12 23.94 9.55
N VAL A 302 -9.09 24.93 8.66
CA VAL A 302 -8.46 26.21 8.96
C VAL A 302 -9.27 26.97 10.01
N ILE A 303 -10.59 26.71 10.06
CA ILE A 303 -11.45 27.43 10.99
C ILE A 303 -10.95 27.33 12.44
N TYR A 304 -10.36 26.19 12.83
CA TYR A 304 -9.91 26.01 14.21
C TYR A 304 -8.82 27.02 14.56
N MET A 305 -7.89 27.23 13.62
CA MET A 305 -6.83 28.21 13.80
C MET A 305 -7.42 29.60 13.99
N LEU A 306 -8.42 29.96 13.17
CA LEU A 306 -9.02 31.29 13.24
C LEU A 306 -9.73 31.50 14.57
N ILE A 307 -10.46 30.47 15.03
CA ILE A 307 -11.23 30.59 16.26
C ILE A 307 -10.29 30.72 17.45
N GLN A 308 -9.21 29.91 17.46
CA GLN A 308 -8.26 29.93 18.55
C GLN A 308 -7.51 31.26 18.55
N ALA A 309 -7.18 31.76 17.36
CA ALA A 309 -6.53 33.07 17.25
C ALA A 309 -7.44 34.16 17.82
N TYR A 310 -8.75 34.06 17.54
CA TYR A 310 -9.67 35.03 18.11
C TYR A 310 -9.65 34.94 19.64
N LYS A 311 -9.67 33.71 20.19
CA LYS A 311 -9.71 33.53 21.62
C LYS A 311 -8.48 34.13 22.28
N VAL A 312 -7.32 34.00 21.62
CA VAL A 312 -6.05 34.35 22.23
C VAL A 312 -5.73 35.83 21.99
N PHE A 313 -6.05 36.35 20.80
CA PHE A 313 -5.60 37.68 20.42
C PHE A 313 -6.75 38.69 20.40
N ARG A 314 -7.99 38.21 20.32
CA ARG A 314 -9.19 39.03 20.40
C ARG A 314 -9.26 40.08 19.29
N GLU A 315 -8.72 39.75 18.12
CA GLU A 315 -8.80 40.64 16.97
C GLU A 315 -9.94 40.20 16.06
N GLU A 316 -10.83 41.15 15.76
CA GLU A 316 -12.09 40.89 15.06
C GLU A 316 -11.88 40.18 13.73
N LYS A 317 -10.74 40.45 13.07
CA LYS A 317 -10.49 39.91 11.74
C LYS A 317 -10.55 38.39 11.75
N TYR A 318 -10.10 37.76 12.85
CA TYR A 318 -10.07 36.31 12.94
C TYR A 318 -11.49 35.75 13.00
N LEU A 319 -12.36 36.44 13.74
CA LEU A 319 -13.76 36.05 13.87
C LEU A 319 -14.47 36.22 12.53
N CYS A 320 -14.18 37.35 11.86
CA CYS A 320 -14.72 37.66 10.54
CA CYS A 320 -14.75 37.63 10.54
C CYS A 320 -14.40 36.51 9.57
N ASP A 321 -13.15 36.05 9.60
CA ASP A 321 -12.70 35.00 8.70
C ASP A 321 -13.40 33.68 9.04
N ALA A 322 -13.63 33.46 10.34
CA ALA A 322 -14.32 32.25 10.80
C ALA A 322 -15.75 32.21 10.29
N TYR A 323 -16.42 33.37 10.30
CA TYR A 323 -17.77 33.45 9.75
C TYR A 323 -17.76 33.06 8.27
N GLN A 324 -16.73 33.51 7.55
CA GLN A 324 -16.62 33.25 6.13
C GLN A 324 -16.41 31.76 5.88
N CYS A 325 -15.62 31.11 6.75
CA CYS A 325 -15.44 29.67 6.69
C CYS A 325 -16.78 28.96 6.82
N ALA A 326 -17.58 29.39 7.81
CA ALA A 326 -18.86 28.74 8.06
C ALA A 326 -19.79 28.89 6.86
N ASP A 327 -19.68 30.01 6.14
CA ASP A 327 -20.56 30.27 5.01
C ASP A 327 -20.16 29.41 3.81
N VAL A 328 -18.84 29.27 3.59
CA VAL A 328 -18.30 28.39 2.56
C VAL A 328 -18.79 26.96 2.80
N ILE A 329 -18.74 26.53 4.06
CA ILE A 329 -19.05 25.15 4.42
C ILE A 329 -20.55 24.92 4.31
N TRP A 330 -21.35 25.93 4.67
CA TRP A 330 -22.80 25.82 4.56
C TRP A 330 -23.19 25.63 3.10
N GLN A 331 -22.49 26.32 2.18
CA GLN A 331 -22.84 26.26 0.77
C GLN A 331 -22.28 24.98 0.12
N TYR A 332 -21.04 24.62 0.44
CA TYR A 332 -20.32 23.61 -0.34
C TYR A 332 -19.79 22.47 0.52
N GLY A 333 -20.37 22.27 1.70
CA GLY A 333 -19.84 21.35 2.69
C GLY A 333 -20.46 19.96 2.69
N LEU A 334 -21.56 19.76 1.95
CA LEU A 334 -22.17 18.44 1.85
C LEU A 334 -21.48 17.68 0.72
N LEU A 335 -20.45 16.89 1.07
CA LEU A 335 -19.49 16.42 0.09
C LEU A 335 -19.97 15.13 -0.58
N LYS A 336 -19.63 15.01 -1.87
CA LYS A 336 -19.84 13.78 -2.61
C LYS A 336 -18.92 12.69 -2.09
N LYS A 337 -17.85 13.11 -1.40
CA LYS A 337 -16.87 12.18 -0.85
C LYS A 337 -17.53 11.27 0.20
N GLY A 338 -18.55 11.79 0.88
CA GLY A 338 -19.23 11.01 1.89
C GLY A 338 -19.44 11.79 3.19
N TYR A 339 -19.58 11.03 4.29
CA TYR A 339 -20.09 11.55 5.55
C TYR A 339 -18.99 11.57 6.62
N GLY A 340 -17.73 11.37 6.20
CA GLY A 340 -16.64 11.15 7.14
C GLY A 340 -16.14 12.42 7.83
N LEU A 341 -15.13 12.25 8.69
CA LEU A 341 -14.56 13.36 9.44
C LEU A 341 -13.45 14.07 8.66
N CYS A 342 -12.52 13.30 8.09
CA CYS A 342 -11.34 13.89 7.46
C CYS A 342 -11.75 14.77 6.28
N HIS A 343 -12.69 14.25 5.47
CA HIS A 343 -13.14 14.93 4.27
C HIS A 343 -14.56 14.48 3.97
N GLY A 344 -15.50 14.97 4.80
CA GLY A 344 -16.89 14.56 4.66
C GLY A 344 -17.82 15.47 5.43
N SER A 345 -19.12 15.17 5.33
CA SER A 345 -20.14 16.05 5.87
C SER A 345 -20.07 16.15 7.40
N ALA A 346 -19.74 15.05 8.07
CA ALA A 346 -19.72 15.08 9.53
C ALA A 346 -18.55 15.92 10.04
N GLY A 347 -17.37 15.75 9.42
CA GLY A 347 -16.22 16.56 9.78
C GLY A 347 -16.48 18.04 9.54
N ASN A 348 -17.19 18.33 8.45
CA ASN A 348 -17.52 19.69 8.08
C ASN A 348 -18.49 20.30 9.10
N ALA A 349 -19.44 19.47 9.58
CA ALA A 349 -20.42 19.93 10.54
C ALA A 349 -19.76 20.40 11.84
N TYR A 350 -18.64 19.78 12.23
CA TYR A 350 -17.90 20.19 13.41
C TYR A 350 -17.47 21.66 13.34
N ALA A 351 -17.23 22.17 12.12
CA ALA A 351 -16.85 23.57 11.96
C ALA A 351 -17.94 24.47 12.52
N PHE A 352 -19.21 24.08 12.31
CA PHE A 352 -20.32 24.86 12.83
C PHE A 352 -20.34 24.80 14.35
N LEU A 353 -20.05 23.63 14.92
CA LEU A 353 -20.10 23.47 16.37
C LEU A 353 -19.01 24.31 17.04
N THR A 354 -17.81 24.39 16.44
CA THR A 354 -16.74 25.15 17.05
CA THR A 354 -16.73 25.17 17.02
C THR A 354 -17.10 26.65 17.03
N LEU A 355 -17.71 27.10 15.94
CA LEU A 355 -18.12 28.50 15.86
C LEU A 355 -19.29 28.76 16.81
N TYR A 356 -20.21 27.81 16.94
CA TYR A 356 -21.30 27.94 17.89
C TYR A 356 -20.74 28.10 19.31
N ASN A 357 -19.78 27.24 19.67
CA ASN A 357 -19.25 27.21 21.02
C ASN A 357 -18.46 28.48 21.34
N LEU A 358 -17.94 29.15 20.31
CA LEU A 358 -17.27 30.42 20.54
C LEU A 358 -18.32 31.53 20.72
N THR A 359 -19.28 31.59 19.80
CA THR A 359 -20.12 32.76 19.58
C THR A 359 -21.39 32.71 20.42
N GLN A 360 -21.86 31.50 20.72
CA GLN A 360 -23.17 31.25 21.32
C GLN A 360 -24.29 31.58 20.35
N ASP A 361 -23.96 31.76 19.07
CA ASP A 361 -24.94 32.05 18.04
C ASP A 361 -25.59 30.74 17.57
N MET A 362 -26.89 30.60 17.86
CA MET A 362 -27.64 29.39 17.62
C MET A 362 -27.75 29.09 16.12
N LYS A 363 -27.47 30.07 15.26
CA LYS A 363 -27.45 29.85 13.83
C LYS A 363 -26.52 28.69 13.50
N TYR A 364 -25.38 28.62 14.19
CA TYR A 364 -24.35 27.63 13.88
C TYR A 364 -24.71 26.27 14.47
N LEU A 365 -25.39 26.25 15.63
CA LEU A 365 -25.91 25.00 16.15
C LEU A 365 -26.92 24.43 15.16
N TYR A 366 -27.78 25.31 14.63
CA TYR A 366 -28.77 24.92 13.63
C TYR A 366 -28.09 24.29 12.41
N ARG A 367 -27.03 24.94 11.91
CA ARG A 367 -26.37 24.44 10.72
C ARG A 367 -25.82 23.04 10.98
N ALA A 368 -25.28 22.82 12.18
CA ALA A 368 -24.76 21.51 12.58
C ALA A 368 -25.89 20.48 12.58
N CYS A 369 -27.06 20.87 13.10
CA CYS A 369 -28.20 19.98 13.18
C CYS A 369 -28.68 19.58 11.79
N LYS A 370 -28.61 20.50 10.82
CA LYS A 370 -29.04 20.22 9.46
C LYS A 370 -28.06 19.28 8.77
N PHE A 371 -26.77 19.44 9.05
CA PHE A 371 -25.78 18.49 8.55
C PHE A 371 -26.00 17.11 9.18
N ALA A 372 -26.44 17.08 10.44
CA ALA A 372 -26.81 15.82 11.08
C ALA A 372 -28.00 15.20 10.36
N GLU A 373 -28.98 16.03 9.98
CA GLU A 373 -30.15 15.58 9.25
C GLU A 373 -29.71 14.88 7.96
N TRP A 374 -28.68 15.42 7.30
CA TRP A 374 -28.14 14.86 6.08
C TRP A 374 -27.53 13.48 6.38
N CYS A 375 -26.78 13.40 7.48
CA CYS A 375 -26.11 12.17 7.86
C CYS A 375 -27.13 11.10 8.28
N LEU A 376 -28.32 11.53 8.72
CA LEU A 376 -29.37 10.61 9.12
C LEU A 376 -29.95 9.90 7.90
N GLU A 377 -29.67 10.44 6.70
CA GLU A 377 -30.02 9.77 5.45
C GLU A 377 -28.78 9.12 4.84
N TYR A 378 -27.91 8.60 5.72
CA TYR A 378 -26.68 7.92 5.35
C TYR A 378 -26.95 6.93 4.20
N GLY A 379 -26.23 7.13 3.09
CA GLY A 379 -26.20 6.16 2.01
C GLY A 379 -27.28 6.40 0.95
N GLU A 380 -28.04 7.49 1.10
CA GLU A 380 -29.18 7.75 0.22
C GLU A 380 -28.86 8.84 -0.80
N HIS A 381 -27.58 9.23 -0.93
CA HIS A 381 -27.24 10.40 -1.72
C HIS A 381 -26.37 10.07 -2.93
N GLY A 382 -25.82 8.84 -2.98
CA GLY A 382 -24.92 8.44 -4.05
C GLY A 382 -23.47 8.83 -3.78
N CYS A 383 -23.15 9.04 -2.49
CA CYS A 383 -21.77 9.33 -2.11
C CYS A 383 -20.86 8.16 -2.47
N ARG A 384 -19.57 8.48 -2.68
CA ARG A 384 -18.53 7.48 -2.85
C ARG A 384 -18.46 6.61 -1.60
N THR A 385 -18.15 5.33 -1.79
CA THR A 385 -17.81 4.43 -0.70
C THR A 385 -16.36 4.69 -0.31
N PRO A 386 -16.07 5.06 0.96
CA PRO A 386 -14.69 5.28 1.39
C PRO A 386 -13.81 4.03 1.30
N ASP A 387 -12.50 4.26 1.23
CA ASP A 387 -11.52 3.18 1.18
C ASP A 387 -11.60 2.32 2.44
N THR A 388 -11.82 2.96 3.59
CA THR A 388 -12.14 2.25 4.82
C THR A 388 -13.53 2.69 5.27
N PRO A 389 -14.60 1.98 4.84
CA PRO A 389 -15.97 2.47 5.00
C PRO A 389 -16.46 2.61 6.44
N PHE A 390 -15.69 2.05 7.40
CA PHE A 390 -16.18 1.96 8.77
C PHE A 390 -15.24 2.66 9.75
N SER A 391 -14.17 3.28 9.23
CA SER A 391 -13.12 3.84 10.08
C SER A 391 -13.55 5.13 10.75
N LEU A 392 -12.77 5.56 11.75
CA LEU A 392 -13.05 6.83 12.43
C LEU A 392 -12.90 8.03 11.49
N PHE A 393 -11.84 8.06 10.64
CA PHE A 393 -11.58 9.27 9.88
C PHE A 393 -12.09 9.22 8.44
N GLU A 394 -12.22 8.03 7.85
CA GLU A 394 -12.72 7.95 6.48
C GLU A 394 -14.18 7.52 6.46
N GLY A 395 -14.65 6.82 7.50
CA GLY A 395 -15.90 6.09 7.39
C GLY A 395 -16.88 6.28 8.54
N MET A 396 -17.69 5.25 8.74
CA MET A 396 -18.93 5.32 9.49
C MET A 396 -18.67 5.63 10.96
N ALA A 397 -17.56 5.13 11.52
CA ALA A 397 -17.30 5.36 12.93
C ALA A 397 -17.25 6.86 13.24
N GLY A 398 -16.68 7.64 12.32
CA GLY A 398 -16.60 9.07 12.52
C GLY A 398 -17.96 9.77 12.44
N THR A 399 -18.79 9.29 11.51
CA THR A 399 -20.14 9.83 11.38
C THR A 399 -20.91 9.57 12.68
N ILE A 400 -20.80 8.34 13.20
CA ILE A 400 -21.47 7.98 14.44
C ILE A 400 -20.92 8.86 15.57
N TYR A 401 -19.60 9.08 15.59
CA TYR A 401 -18.97 9.88 16.62
C TYR A 401 -19.63 11.26 16.67
N PHE A 402 -19.80 11.85 15.49
CA PHE A 402 -20.37 13.19 15.37
C PHE A 402 -21.80 13.21 15.88
N LEU A 403 -22.62 12.24 15.45
CA LEU A 403 -24.02 12.21 15.86
C LEU A 403 -24.13 12.12 17.38
N ALA A 404 -23.28 11.30 18.02
CA ALA A 404 -23.32 11.12 19.46
C ALA A 404 -22.83 12.38 20.18
N ASP A 405 -21.86 13.07 19.58
CA ASP A 405 -21.26 14.26 20.17
C ASP A 405 -22.27 15.40 20.14
N LEU A 406 -23.13 15.42 19.12
CA LEU A 406 -24.10 16.50 18.93
C LEU A 406 -25.15 16.50 20.05
N LEU A 407 -25.31 15.38 20.75
CA LEU A 407 -26.33 15.25 21.80
C LEU A 407 -26.11 16.29 22.89
N VAL A 408 -24.84 16.61 23.18
CA VAL A 408 -24.52 17.67 24.12
C VAL A 408 -23.59 18.65 23.41
N PRO A 409 -24.15 19.61 22.64
CA PRO A 409 -23.36 20.45 21.74
C PRO A 409 -22.21 21.22 22.39
N THR A 410 -22.40 21.67 23.63
CA THR A 410 -21.38 22.51 24.27
C THR A 410 -20.11 21.72 24.55
N LYS A 411 -20.22 20.39 24.63
CA LYS A 411 -19.08 19.55 24.96
C LYS A 411 -18.48 18.91 23.71
N ALA A 412 -19.09 19.17 22.54
CA ALA A 412 -18.67 18.50 21.32
C ALA A 412 -17.29 19.01 20.89
N ARG A 413 -16.43 18.07 20.43
CA ARG A 413 -15.09 18.42 19.97
C ARG A 413 -14.73 17.49 18.82
N PHE A 414 -14.15 18.05 17.75
CA PHE A 414 -13.68 17.22 16.64
C PHE A 414 -12.65 16.24 17.21
N PRO A 415 -12.88 14.91 17.09
CA PRO A 415 -12.03 13.94 17.78
C PRO A 415 -10.61 13.88 17.21
N ALA A 416 -9.67 13.46 18.07
CA ALA A 416 -8.27 13.27 17.70
C ALA A 416 -7.67 14.57 17.15
N PHE A 417 -8.20 15.72 17.57
CA PHE A 417 -7.69 16.99 17.06
C PHE A 417 -8.03 18.15 17.99
N GLU A 418 -9.32 18.37 18.23
CA GLU A 418 -9.73 19.61 18.88
C GLU A 418 -9.54 19.51 20.39
N LEU A 419 -9.08 20.60 21.00
CA LEU A 419 -8.86 20.61 22.44
C LEU A 419 -9.98 21.40 23.13
N HIS B 20 16.41 -24.02 8.49
CA HIS B 20 15.32 -25.02 8.28
C HIS B 20 15.26 -25.45 6.82
N MET B 21 16.10 -24.83 5.98
CA MET B 21 16.13 -25.07 4.55
C MET B 21 16.50 -26.52 4.24
N ALA B 22 17.34 -27.11 5.10
CA ALA B 22 17.86 -28.45 4.89
C ALA B 22 16.74 -29.48 4.87
N GLN B 23 15.70 -29.23 5.67
CA GLN B 23 14.57 -30.15 5.80
C GLN B 23 13.81 -30.26 4.49
N ARG B 24 13.93 -29.22 3.66
CA ARG B 24 13.10 -29.11 2.47
C ARG B 24 13.85 -29.59 1.23
N ALA B 25 15.15 -29.88 1.38
CA ALA B 25 16.01 -30.18 0.25
C ALA B 25 16.65 -31.54 0.41
N PHE B 26 17.02 -32.13 -0.72
CA PHE B 26 17.92 -33.27 -0.74
C PHE B 26 19.35 -32.76 -0.65
N PRO B 27 20.28 -33.50 0.02
CA PRO B 27 21.70 -33.14 -0.02
C PRO B 27 22.15 -33.13 -1.47
N ASN B 28 22.88 -32.07 -1.85
CA ASN B 28 23.40 -31.97 -3.21
C ASN B 28 24.53 -32.99 -3.37
N PRO B 29 24.39 -34.01 -4.25
CA PRO B 29 25.39 -35.06 -4.36
C PRO B 29 26.57 -34.72 -5.27
N TYR B 30 26.52 -33.53 -5.87
CA TYR B 30 27.47 -33.17 -6.92
C TYR B 30 28.59 -32.31 -6.36
N ALA B 31 29.80 -32.52 -6.89
CA ALA B 31 30.92 -31.64 -6.64
C ALA B 31 30.66 -30.30 -7.32
N ASP B 32 31.22 -29.22 -6.76
CA ASP B 32 31.12 -27.91 -7.40
C ASP B 32 32.03 -27.90 -8.62
N TYR B 33 31.96 -26.80 -9.37
CA TYR B 33 32.59 -26.66 -10.67
C TYR B 33 34.10 -26.89 -10.59
N ASN B 34 34.56 -27.72 -11.53
CA ASN B 34 35.95 -27.80 -11.96
C ASN B 34 35.91 -27.95 -13.48
N LYS B 35 36.90 -27.40 -14.18
CA LYS B 35 36.96 -27.47 -15.63
C LYS B 35 36.83 -28.91 -16.11
N SER B 36 37.42 -29.85 -15.37
CA SER B 36 37.44 -31.26 -15.75
CA SER B 36 37.43 -31.25 -15.77
C SER B 36 36.04 -31.86 -15.64
N LEU B 37 35.27 -31.41 -14.65
CA LEU B 37 33.93 -31.93 -14.42
C LEU B 37 32.95 -31.34 -15.43
N ALA B 38 33.33 -30.22 -16.05
CA ALA B 38 32.43 -29.50 -16.94
C ALA B 38 32.58 -29.97 -18.39
N GLU B 39 33.75 -30.56 -18.70
CA GLU B 39 34.11 -30.89 -20.07
C GLU B 39 33.08 -31.83 -20.72
N GLY B 40 32.46 -32.68 -19.91
CA GLY B 40 31.45 -33.61 -20.41
C GLY B 40 30.15 -32.93 -20.80
N TYR B 41 29.92 -31.74 -20.24
CA TYR B 41 28.66 -31.02 -20.41
C TYR B 41 28.76 -29.96 -21.51
N PHE B 42 29.90 -29.25 -21.56
CA PHE B 42 30.04 -28.16 -22.51
C PHE B 42 31.51 -27.88 -22.79
N ASP B 43 31.76 -27.22 -23.93
CA ASP B 43 33.09 -26.81 -24.34
C ASP B 43 33.47 -25.49 -23.67
N ALA B 44 34.65 -24.96 -24.03
CA ALA B 44 35.23 -23.81 -23.36
C ALA B 44 34.37 -22.56 -23.57
N ALA B 45 33.55 -22.57 -24.62
CA ALA B 45 32.71 -21.45 -25.00
C ALA B 45 31.32 -21.57 -24.38
N GLY B 46 31.05 -22.68 -23.70
CA GLY B 46 29.77 -22.92 -23.06
C GLY B 46 28.73 -23.55 -23.98
N ARG B 47 29.19 -24.09 -25.11
CA ARG B 47 28.32 -24.83 -26.03
C ARG B 47 28.22 -26.27 -25.55
N LEU B 48 26.99 -26.77 -25.37
CA LEU B 48 26.80 -28.11 -24.83
C LEU B 48 27.45 -29.13 -25.75
N THR B 49 27.98 -30.20 -25.14
CA THR B 49 28.49 -31.31 -25.94
C THR B 49 27.33 -31.97 -26.66
N PRO B 50 27.57 -32.57 -27.86
CA PRO B 50 26.53 -33.33 -28.54
C PRO B 50 25.99 -34.45 -27.66
N GLU B 51 26.86 -35.07 -26.86
CA GLU B 51 26.48 -36.20 -26.04
C GLU B 51 25.50 -35.75 -24.95
N PHE B 52 25.83 -34.67 -24.23
CA PHE B 52 24.95 -34.20 -23.17
C PHE B 52 23.64 -33.69 -23.78
N SER B 53 23.74 -33.00 -24.91
CA SER B 53 22.57 -32.49 -25.61
C SER B 53 21.61 -33.64 -25.94
N GLN B 54 22.17 -34.77 -26.42
CA GLN B 54 21.34 -35.90 -26.77
C GLN B 54 20.65 -36.49 -25.53
N ARG B 55 21.34 -36.49 -24.39
CA ARG B 55 20.73 -37.00 -23.19
C ARG B 55 19.56 -36.12 -22.76
N LEU B 56 19.73 -34.79 -22.89
CA LEU B 56 18.65 -33.86 -22.60
C LEU B 56 17.47 -34.13 -23.52
N THR B 57 17.78 -34.31 -24.82
CA THR B 57 16.76 -34.46 -25.84
C THR B 57 16.00 -35.78 -25.65
N ASN B 58 16.73 -36.84 -25.31
CA ASN B 58 16.10 -38.14 -25.06
C ASN B 58 15.12 -38.03 -23.91
N LYS B 59 15.50 -37.29 -22.85
CA LYS B 59 14.64 -37.15 -21.69
C LYS B 59 13.41 -36.31 -22.04
N ILE B 60 13.60 -35.27 -22.86
CA ILE B 60 12.50 -34.43 -23.33
C ILE B 60 11.49 -35.30 -24.08
N ARG B 61 12.00 -36.16 -24.97
CA ARG B 61 11.14 -37.06 -25.74
C ARG B 61 10.29 -37.93 -24.81
N GLU B 62 10.94 -38.52 -23.80
CA GLU B 62 10.29 -39.43 -22.88
C GLU B 62 9.24 -38.69 -22.05
N LEU B 63 9.62 -37.53 -21.51
CA LEU B 63 8.74 -36.79 -20.62
C LEU B 63 7.55 -36.22 -21.39
N LEU B 64 7.75 -35.82 -22.65
CA LEU B 64 6.65 -35.31 -23.45
C LEU B 64 5.54 -36.36 -23.57
N GLN B 65 5.93 -37.64 -23.74
CA GLN B 65 4.96 -38.73 -23.85
CA GLN B 65 4.93 -38.68 -23.88
C GLN B 65 4.14 -38.82 -22.57
N GLN B 66 4.85 -38.74 -21.43
CA GLN B 66 4.21 -38.84 -20.13
C GLN B 66 3.28 -37.64 -19.92
N MET B 67 3.73 -36.45 -20.33
CA MET B 67 2.96 -35.25 -20.13
C MET B 67 1.68 -35.30 -20.97
N GLU B 68 1.78 -35.76 -22.22
CA GLU B 68 0.64 -35.81 -23.10
C GLU B 68 -0.43 -36.75 -22.53
N ARG B 69 0.01 -37.88 -21.98
CA ARG B 69 -0.91 -38.83 -21.37
C ARG B 69 -1.53 -38.21 -20.12
N GLY B 70 -0.68 -37.58 -19.30
CA GLY B 70 -1.10 -37.00 -18.04
C GLY B 70 -2.16 -35.91 -18.21
N LEU B 71 -2.00 -35.10 -19.26
CA LEU B 71 -2.88 -33.96 -19.48
C LEU B 71 -4.29 -34.42 -19.85
N LYS B 72 -4.44 -35.69 -20.24
CA LYS B 72 -5.78 -36.20 -20.55
C LYS B 72 -6.67 -36.14 -19.31
N SER B 73 -6.05 -36.10 -18.12
CA SER B 73 -6.78 -36.13 -16.86
C SER B 73 -6.84 -34.74 -16.23
N ALA B 74 -6.30 -33.72 -16.92
CA ALA B 74 -6.26 -32.37 -16.37
C ALA B 74 -7.63 -31.72 -16.41
N ASP B 75 -7.83 -30.73 -15.52
CA ASP B 75 -9.07 -29.99 -15.42
C ASP B 75 -9.36 -29.29 -16.75
N PRO B 76 -10.49 -29.62 -17.43
CA PRO B 76 -10.82 -28.95 -18.69
C PRO B 76 -10.97 -27.43 -18.62
N ARG B 77 -11.26 -26.91 -17.42
CA ARG B 77 -11.68 -25.52 -17.24
C ARG B 77 -10.49 -24.58 -17.11
N ASP B 78 -9.33 -25.11 -16.71
CA ASP B 78 -8.19 -24.27 -16.37
C ASP B 78 -7.35 -24.02 -17.62
N GLY B 79 -7.48 -22.80 -18.18
CA GLY B 79 -6.76 -22.44 -19.39
C GLY B 79 -5.50 -21.62 -19.13
N THR B 80 -5.13 -21.46 -17.85
CA THR B 80 -4.11 -20.50 -17.46
C THR B 80 -2.71 -20.94 -17.85
N GLY B 81 -1.79 -19.95 -17.89
CA GLY B 81 -0.38 -20.25 -18.08
C GLY B 81 0.21 -21.05 -16.92
N TYR B 82 -0.16 -20.68 -15.70
CA TYR B 82 0.42 -21.24 -14.48
C TYR B 82 0.14 -22.73 -14.37
N THR B 83 -1.14 -23.12 -14.50
CA THR B 83 -1.54 -24.49 -14.20
C THR B 83 -2.30 -25.16 -15.35
N GLY B 84 -2.63 -24.41 -16.41
CA GLY B 84 -3.54 -24.94 -17.41
C GLY B 84 -3.04 -24.88 -18.85
N TRP B 85 -3.99 -24.77 -19.78
CA TRP B 85 -3.75 -25.05 -21.19
C TRP B 85 -2.77 -24.06 -21.83
N ALA B 86 -2.88 -22.78 -21.47
CA ALA B 86 -2.04 -21.79 -22.13
C ALA B 86 -0.57 -22.06 -21.83
N GLY B 87 -0.28 -22.59 -20.64
CA GLY B 87 1.07 -22.92 -20.25
C GLY B 87 1.64 -24.08 -21.08
N ILE B 88 0.77 -25.02 -21.45
CA ILE B 88 1.20 -26.11 -22.31
C ILE B 88 1.47 -25.55 -23.71
N ALA B 89 0.63 -24.61 -24.17
CA ALA B 89 0.90 -23.95 -25.45
C ALA B 89 2.26 -23.23 -25.41
N VAL B 90 2.56 -22.55 -24.30
CA VAL B 90 3.83 -21.87 -24.13
C VAL B 90 4.98 -22.87 -24.31
N LEU B 91 4.86 -24.05 -23.69
CA LEU B 91 5.88 -25.06 -23.82
C LEU B 91 6.05 -25.45 -25.29
N TYR B 92 4.92 -25.74 -25.98
CA TYR B 92 5.01 -26.22 -27.35
C TYR B 92 5.55 -25.15 -28.31
N LEU B 93 5.21 -23.87 -28.07
CA LEU B 93 5.78 -22.82 -28.91
C LEU B 93 7.30 -22.80 -28.73
N HIS B 94 7.75 -22.97 -27.49
CA HIS B 94 9.17 -23.00 -27.18
C HIS B 94 9.84 -24.20 -27.86
N LEU B 95 9.25 -25.39 -27.72
CA LEU B 95 9.82 -26.60 -28.30
C LEU B 95 9.85 -26.48 -29.83
N TYR B 96 8.82 -25.84 -30.39
CA TYR B 96 8.80 -25.60 -31.82
C TYR B 96 9.99 -24.75 -32.25
N ASP B 97 10.29 -23.72 -31.46
CA ASP B 97 11.41 -22.83 -31.74
CA ASP B 97 11.41 -22.83 -31.74
C ASP B 97 12.73 -23.58 -31.60
N VAL B 98 12.82 -24.47 -30.60
CA VAL B 98 14.06 -25.19 -30.34
C VAL B 98 14.33 -26.22 -31.43
N PHE B 99 13.30 -27.02 -31.77
CA PHE B 99 13.49 -28.23 -32.54
C PHE B 99 12.97 -28.10 -33.98
N GLY B 100 11.93 -27.29 -34.19
CA GLY B 100 11.35 -27.12 -35.51
C GLY B 100 10.42 -28.27 -35.91
N ASP B 101 10.04 -29.11 -34.95
CA ASP B 101 9.15 -30.24 -35.19
C ASP B 101 7.74 -29.70 -35.47
N PRO B 102 7.16 -29.99 -36.67
CA PRO B 102 5.85 -29.42 -37.00
C PRO B 102 4.73 -29.89 -36.08
N ALA B 103 4.88 -31.08 -35.49
CA ALA B 103 3.91 -31.61 -34.55
C ALA B 103 3.76 -30.66 -33.37
N TYR B 104 4.85 -29.98 -32.99
CA TYR B 104 4.83 -29.11 -31.82
C TYR B 104 3.98 -27.87 -32.10
N LEU B 105 4.04 -27.36 -33.34
CA LEU B 105 3.23 -26.19 -33.66
C LEU B 105 1.76 -26.57 -33.64
N GLN B 106 1.45 -27.77 -34.16
CA GLN B 106 0.07 -28.26 -34.21
C GLN B 106 -0.47 -28.44 -32.79
N LEU B 107 0.35 -28.99 -31.90
CA LEU B 107 -0.04 -29.20 -30.51
CA LEU B 107 -0.06 -29.20 -30.52
C LEU B 107 -0.27 -27.85 -29.84
N ALA B 108 0.61 -26.88 -30.12
CA ALA B 108 0.45 -25.55 -29.56
C ALA B 108 -0.90 -24.96 -29.97
N HIS B 109 -1.27 -25.15 -31.24
CA HIS B 109 -2.53 -24.66 -31.75
C HIS B 109 -3.70 -25.28 -30.99
N GLY B 110 -3.64 -26.60 -30.78
CA GLY B 110 -4.68 -27.32 -30.05
C GLY B 110 -4.86 -26.76 -28.63
N TYR B 111 -3.75 -26.55 -27.93
CA TYR B 111 -3.80 -26.07 -26.56
C TYR B 111 -4.29 -24.62 -26.50
N VAL B 112 -3.90 -23.81 -27.49
CA VAL B 112 -4.37 -22.44 -27.60
C VAL B 112 -5.90 -22.42 -27.74
N LYS B 113 -6.42 -23.27 -28.64
CA LYS B 113 -7.86 -23.35 -28.86
C LYS B 113 -8.57 -23.70 -27.56
N GLN B 114 -8.04 -24.68 -26.81
CA GLN B 114 -8.60 -25.05 -25.53
C GLN B 114 -8.60 -23.86 -24.58
N SER B 115 -7.48 -23.14 -24.52
CA SER B 115 -7.32 -22.06 -23.56
C SER B 115 -8.30 -20.93 -23.83
N LEU B 116 -8.63 -20.69 -25.11
CA LEU B 116 -9.48 -19.58 -25.50
C LEU B 116 -10.94 -19.90 -25.16
N ASN B 117 -11.22 -21.16 -24.84
CA ASN B 117 -12.55 -21.57 -24.41
C ASN B 117 -12.66 -21.54 -22.88
N CYS B 118 -11.63 -21.02 -22.21
CA CYS B 118 -11.54 -21.09 -20.76
C CYS B 118 -11.43 -19.71 -20.13
N LEU B 119 -11.76 -18.64 -20.88
CA LEU B 119 -11.65 -17.31 -20.34
C LEU B 119 -12.68 -17.12 -19.23
N THR B 120 -12.27 -16.46 -18.13
CA THR B 120 -13.12 -16.39 -16.95
C THR B 120 -13.44 -14.95 -16.57
N LYS B 121 -12.66 -13.99 -17.09
CA LYS B 121 -12.83 -12.57 -16.86
C LYS B 121 -12.51 -12.20 -15.41
N ARG B 122 -11.76 -13.07 -14.71
CA ARG B 122 -11.51 -12.86 -13.29
C ARG B 122 -10.12 -12.28 -13.03
N SER B 123 -9.20 -12.48 -13.97
CA SER B 123 -7.83 -12.02 -13.81
CA SER B 123 -7.82 -12.03 -13.81
C SER B 123 -7.26 -11.53 -15.13
N ILE B 124 -6.26 -10.64 -15.05
CA ILE B 124 -5.70 -9.93 -16.20
C ILE B 124 -4.30 -10.44 -16.55
N THR B 125 -3.76 -11.40 -15.79
CA THR B 125 -2.33 -11.67 -15.92
C THR B 125 -2.04 -12.76 -16.95
N PHE B 126 -0.78 -12.78 -17.39
CA PHE B 126 -0.30 -13.82 -18.29
C PHE B 126 -0.39 -15.19 -17.61
N LEU B 127 -0.04 -15.26 -16.32
CA LEU B 127 0.07 -16.56 -15.67
C LEU B 127 -1.28 -17.07 -15.15
N CYS B 128 -2.15 -16.18 -14.65
CA CYS B 128 -3.32 -16.68 -13.94
C CYS B 128 -4.61 -16.07 -14.49
N GLY B 129 -4.50 -15.29 -15.56
CA GLY B 129 -5.66 -14.59 -16.09
C GLY B 129 -5.86 -14.79 -17.60
N ASP B 130 -6.75 -13.97 -18.17
CA ASP B 130 -7.16 -14.15 -19.56
C ASP B 130 -6.06 -13.66 -20.51
N ALA B 131 -5.07 -12.93 -19.99
CA ALA B 131 -4.01 -12.39 -20.84
C ALA B 131 -3.10 -13.50 -21.37
N GLY B 132 -2.96 -14.59 -20.60
CA GLY B 132 -2.17 -15.73 -21.03
C GLY B 132 -2.74 -16.32 -22.33
N PRO B 133 -3.97 -16.85 -22.31
CA PRO B 133 -4.60 -17.35 -23.54
C PRO B 133 -4.52 -16.36 -24.70
N LEU B 134 -4.81 -15.07 -24.44
CA LEU B 134 -4.89 -14.13 -25.54
C LEU B 134 -3.52 -13.82 -26.13
N ALA B 135 -2.51 -13.61 -25.27
CA ALA B 135 -1.18 -13.24 -25.75
C ALA B 135 -0.54 -14.43 -26.46
N VAL B 136 -0.71 -15.63 -25.89
CA VAL B 136 -0.14 -16.83 -26.49
C VAL B 136 -0.82 -17.12 -27.82
N ALA B 137 -2.14 -16.91 -27.87
CA ALA B 137 -2.89 -17.11 -29.10
C ALA B 137 -2.42 -16.15 -30.19
N ALA B 138 -2.22 -14.87 -29.84
CA ALA B 138 -1.73 -13.87 -30.77
C ALA B 138 -0.43 -14.34 -31.42
N VAL B 139 0.48 -14.87 -30.58
CA VAL B 139 1.79 -15.29 -31.04
C VAL B 139 1.67 -16.55 -31.90
N LEU B 140 0.83 -17.51 -31.47
CA LEU B 140 0.65 -18.73 -32.25
C LEU B 140 0.08 -18.40 -33.63
N TYR B 141 -0.97 -17.56 -33.66
CA TYR B 141 -1.62 -17.24 -34.92
C TYR B 141 -0.63 -16.57 -35.86
N HIS B 142 0.20 -15.68 -35.30
CA HIS B 142 1.25 -14.99 -36.03
C HIS B 142 2.22 -16.00 -36.66
N LYS B 143 2.57 -17.04 -35.89
CA LYS B 143 3.47 -18.10 -36.31
C LYS B 143 2.85 -18.94 -37.44
N MET B 144 1.51 -19.02 -37.45
CA MET B 144 0.78 -19.88 -38.37
C MET B 144 0.28 -19.07 -39.57
N ASN B 145 0.78 -17.85 -39.72
CA ASN B 145 0.46 -16.97 -40.84
C ASN B 145 -1.03 -16.63 -40.85
N ASN B 146 -1.60 -16.42 -39.65
CA ASN B 146 -3.01 -16.09 -39.51
C ASN B 146 -3.13 -14.70 -38.89
N GLU B 147 -2.94 -13.67 -39.73
CA GLU B 147 -2.84 -12.29 -39.27
C GLU B 147 -4.16 -11.82 -38.67
N LYS B 148 -5.29 -12.24 -39.27
CA LYS B 148 -6.59 -11.76 -38.85
C LYS B 148 -6.86 -12.18 -37.41
N GLN B 149 -6.59 -13.45 -37.09
CA GLN B 149 -6.85 -13.97 -35.75
C GLN B 149 -5.82 -13.43 -34.77
N ALA B 150 -4.59 -13.21 -35.25
CA ALA B 150 -3.55 -12.62 -34.41
C ALA B 150 -3.99 -11.23 -33.94
N GLU B 151 -4.51 -10.41 -34.86
CA GLU B 151 -4.88 -9.03 -34.56
C GLU B 151 -6.08 -8.99 -33.62
N ASP B 152 -7.03 -9.91 -33.82
CA ASP B 152 -8.21 -9.99 -32.95
C ASP B 152 -7.78 -10.26 -31.52
N CYS B 153 -6.80 -11.17 -31.36
CA CYS B 153 -6.32 -11.54 -30.04
C CYS B 153 -5.61 -10.36 -29.38
N ILE B 154 -4.85 -9.60 -30.17
CA ILE B 154 -4.17 -8.41 -29.65
C ILE B 154 -5.20 -7.39 -29.19
N THR B 155 -6.25 -7.19 -29.99
CA THR B 155 -7.31 -6.25 -29.64
C THR B 155 -7.91 -6.61 -28.29
N ARG B 156 -8.26 -7.89 -28.13
CA ARG B 156 -8.89 -8.39 -26.91
C ARG B 156 -7.93 -8.25 -25.73
N LEU B 157 -6.63 -8.51 -25.98
CA LEU B 157 -5.62 -8.41 -24.93
C LEU B 157 -5.54 -6.96 -24.42
N ILE B 158 -5.53 -6.00 -25.35
CA ILE B 158 -5.43 -4.59 -24.98
C ILE B 158 -6.67 -4.18 -24.18
N HIS B 159 -7.84 -4.73 -24.54
CA HIS B 159 -9.11 -4.36 -23.94
CA HIS B 159 -9.10 -4.34 -23.94
C HIS B 159 -9.23 -4.88 -22.52
N LEU B 160 -8.40 -5.88 -22.16
CA LEU B 160 -8.42 -6.45 -20.82
C LEU B 160 -8.07 -5.40 -19.77
N ASN B 161 -7.29 -4.40 -20.19
CA ASN B 161 -6.78 -3.36 -19.31
C ASN B 161 -7.90 -2.41 -18.92
N LYS B 162 -8.48 -2.65 -17.74
CA LYS B 162 -9.53 -1.80 -17.19
C LYS B 162 -8.99 -1.04 -15.99
N ILE B 163 -9.49 0.19 -15.80
CA ILE B 163 -9.18 0.97 -14.62
C ILE B 163 -9.66 0.20 -13.39
N ASP B 164 -8.73 -0.09 -12.48
CA ASP B 164 -9.01 -0.90 -11.29
C ASP B 164 -8.10 -0.45 -10.15
N PRO B 165 -8.59 0.43 -9.25
CA PRO B 165 -7.77 0.91 -8.12
C PRO B 165 -7.48 -0.19 -7.10
N HIS B 166 -8.18 -1.32 -7.23
CA HIS B 166 -8.11 -2.41 -6.28
C HIS B 166 -7.11 -3.48 -6.73
N ALA B 167 -6.67 -3.39 -7.99
CA ALA B 167 -5.82 -4.42 -8.57
C ALA B 167 -4.46 -4.45 -7.86
N PRO B 168 -3.92 -5.65 -7.53
CA PRO B 168 -2.56 -5.74 -6.98
C PRO B 168 -1.52 -5.44 -8.05
N ASN B 169 -0.25 -5.42 -7.64
CA ASN B 169 0.83 -4.97 -8.50
C ASN B 169 1.74 -6.12 -8.94
N GLU B 170 1.50 -7.32 -8.39
CA GLU B 170 2.47 -8.41 -8.45
C GLU B 170 2.26 -9.29 -9.69
N MET B 171 3.04 -10.37 -9.77
CA MET B 171 3.21 -11.13 -11.01
C MET B 171 2.01 -12.03 -11.32
N LEU B 172 1.44 -12.70 -10.32
CA LEU B 172 0.47 -13.74 -10.61
C LEU B 172 -0.94 -13.18 -10.80
N TYR B 173 -1.28 -12.08 -10.11
CA TYR B 173 -2.63 -11.55 -10.18
C TYR B 173 -2.66 -10.04 -10.43
N GLY B 174 -1.49 -9.42 -10.61
CA GLY B 174 -1.43 -7.96 -10.63
C GLY B 174 -0.82 -7.34 -11.87
N ARG B 175 -0.49 -6.06 -11.75
CA ARG B 175 -0.21 -5.21 -12.90
C ARG B 175 0.98 -5.70 -13.71
N ILE B 176 2.06 -6.13 -13.05
CA ILE B 176 3.24 -6.53 -13.81
C ILE B 176 2.96 -7.82 -14.60
N GLY B 177 2.02 -8.63 -14.12
CA GLY B 177 1.64 -9.86 -14.81
C GLY B 177 0.91 -9.57 -16.13
N TYR B 178 0.17 -8.46 -16.14
CA TYR B 178 -0.45 -8.00 -17.37
C TYR B 178 0.60 -7.37 -18.29
N ILE B 179 1.52 -6.57 -17.73
CA ILE B 179 2.60 -6.02 -18.51
C ILE B 179 3.37 -7.13 -19.23
N TYR B 180 3.65 -8.23 -18.53
CA TYR B 180 4.37 -9.32 -19.17
C TYR B 180 3.69 -9.75 -20.47
N ALA B 181 2.35 -9.88 -20.44
CA ALA B 181 1.62 -10.30 -21.63
C ALA B 181 1.86 -9.34 -22.80
N LEU B 182 1.89 -8.04 -22.52
CA LEU B 182 2.13 -7.05 -23.57
C LEU B 182 3.55 -7.17 -24.11
N LEU B 183 4.52 -7.38 -23.22
CA LEU B 183 5.92 -7.54 -23.60
C LEU B 183 6.09 -8.80 -24.43
N PHE B 184 5.32 -9.86 -24.10
CA PHE B 184 5.41 -11.15 -24.78
C PHE B 184 5.01 -10.98 -26.24
N VAL B 185 3.96 -10.18 -26.47
CA VAL B 185 3.52 -9.86 -27.82
C VAL B 185 4.62 -9.07 -28.53
N ASN B 186 5.10 -8.00 -27.90
CA ASN B 186 6.10 -7.14 -28.50
C ASN B 186 7.39 -7.91 -28.80
N LYS B 187 7.73 -8.89 -27.96
CA LYS B 187 8.93 -9.69 -28.18
C LYS B 187 8.81 -10.46 -29.49
N ASN B 188 7.60 -10.96 -29.77
CA ASN B 188 7.38 -11.89 -30.85
C ASN B 188 6.98 -11.16 -32.14
N PHE B 189 6.42 -9.94 -32.00
CA PHE B 189 5.93 -9.19 -33.15
C PHE B 189 6.89 -8.07 -33.54
N GLY B 190 7.65 -7.56 -32.57
CA GLY B 190 8.57 -6.45 -32.83
C GLY B 190 8.18 -5.18 -32.10
N VAL B 191 9.06 -4.17 -32.17
CA VAL B 191 9.02 -3.00 -31.31
C VAL B 191 7.64 -2.34 -31.33
N GLU B 192 7.02 -2.29 -30.14
CA GLU B 192 5.83 -1.51 -29.86
C GLU B 192 4.69 -1.86 -30.82
N LYS B 193 4.56 -3.15 -31.15
CA LYS B 193 3.37 -3.66 -31.81
C LYS B 193 2.15 -3.27 -30.98
N ILE B 194 2.22 -3.53 -29.67
CA ILE B 194 1.33 -2.90 -28.71
C ILE B 194 2.02 -1.60 -28.29
N PRO B 195 1.37 -0.43 -28.50
CA PRO B 195 1.98 0.86 -28.21
C PRO B 195 2.52 0.93 -26.78
N GLN B 196 3.68 1.59 -26.64
CA GLN B 196 4.36 1.74 -25.36
C GLN B 196 3.48 2.46 -24.34
N SER B 197 2.58 3.31 -24.84
CA SER B 197 1.71 4.11 -23.97
C SER B 197 0.93 3.22 -23.01
N HIS B 198 0.56 2.01 -23.45
CA HIS B 198 -0.16 1.08 -22.60
C HIS B 198 0.69 0.69 -21.39
N ILE B 199 1.95 0.31 -21.66
CA ILE B 199 2.87 -0.08 -20.60
C ILE B 199 3.17 1.12 -19.71
N GLN B 200 3.37 2.29 -20.33
CA GLN B 200 3.72 3.51 -19.61
CA GLN B 200 3.73 3.51 -19.60
C GLN B 200 2.65 3.84 -18.58
N GLN B 201 1.38 3.77 -19.00
CA GLN B 201 0.27 4.11 -18.13
C GLN B 201 0.21 3.16 -16.92
N ILE B 202 0.49 1.87 -17.16
CA ILE B 202 0.43 0.90 -16.07
C ILE B 202 1.59 1.13 -15.12
N CYS B 203 2.77 1.45 -15.67
CA CYS B 203 3.95 1.72 -14.87
CA CYS B 203 3.95 1.73 -14.88
C CYS B 203 3.70 2.90 -13.93
N GLU B 204 3.04 3.95 -14.46
CA GLU B 204 2.71 5.12 -13.67
C GLU B 204 1.82 4.72 -12.49
N THR B 205 0.81 3.88 -12.78
CA THR B 205 -0.11 3.39 -11.77
C THR B 205 0.64 2.62 -10.69
N ILE B 206 1.57 1.76 -11.10
CA ILE B 206 2.34 0.94 -10.16
C ILE B 206 3.16 1.84 -9.23
N LEU B 207 3.83 2.83 -9.81
CA LEU B 207 4.69 3.71 -9.03
C LEU B 207 3.84 4.55 -8.06
N THR B 208 2.70 5.07 -8.55
CA THR B 208 1.79 5.85 -7.72
C THR B 208 1.29 5.00 -6.55
N SER B 209 0.85 3.78 -6.84
CA SER B 209 0.38 2.84 -5.84
CA SER B 209 0.37 2.85 -5.83
C SER B 209 1.45 2.63 -4.76
N GLY B 210 2.69 2.40 -5.21
CA GLY B 210 3.78 2.13 -4.30
C GLY B 210 4.09 3.31 -3.39
N GLU B 211 4.11 4.52 -3.97
CA GLU B 211 4.40 5.73 -3.22
C GLU B 211 3.29 5.95 -2.20
N ASN B 212 2.04 5.72 -2.62
CA ASN B 212 0.88 5.99 -1.79
C ASN B 212 0.88 5.09 -0.56
N LEU B 213 1.17 3.79 -0.76
CA LEU B 213 1.16 2.88 0.38
C LEU B 213 2.32 3.18 1.33
N ALA B 214 3.48 3.51 0.77
CA ALA B 214 4.63 3.80 1.61
C ALA B 214 4.35 5.04 2.47
N ARG B 215 3.68 6.03 1.89
CA ARG B 215 3.35 7.26 2.60
C ARG B 215 2.30 6.98 3.68
N LYS B 216 1.28 6.17 3.34
CA LYS B 216 0.20 5.84 4.25
CA LYS B 216 0.20 5.86 4.26
C LYS B 216 0.76 5.18 5.52
N ARG B 217 1.69 4.23 5.32
CA ARG B 217 2.21 3.42 6.40
C ARG B 217 3.52 3.99 6.96
N ASN B 218 3.98 5.12 6.39
CA ASN B 218 5.20 5.81 6.82
C ASN B 218 6.41 4.91 6.65
N PHE B 219 6.44 4.16 5.54
CA PHE B 219 7.63 3.40 5.16
C PHE B 219 8.68 4.31 4.53
N THR B 220 8.26 5.49 4.06
CA THR B 220 9.00 6.30 3.08
C THR B 220 10.49 6.40 3.40
N ALA B 221 10.84 6.65 4.67
CA ALA B 221 12.23 6.95 5.01
C ALA B 221 13.15 5.76 4.70
N LYS B 222 12.61 4.54 4.87
CA LYS B 222 13.37 3.32 4.66
C LYS B 222 13.10 2.74 3.27
N SER B 223 11.89 2.98 2.75
CA SER B 223 11.49 2.43 1.46
C SER B 223 10.44 3.35 0.82
N PRO B 224 10.80 4.15 -0.20
CA PRO B 224 9.85 5.05 -0.86
C PRO B 224 8.65 4.38 -1.51
N LEU B 225 8.79 3.08 -1.86
CA LEU B 225 7.69 2.31 -2.42
C LEU B 225 7.36 1.15 -1.48
N MET B 226 6.08 0.79 -1.43
CA MET B 226 5.66 -0.43 -0.74
C MET B 226 4.46 -1.04 -1.45
N TYR B 227 4.41 -2.37 -1.45
CA TYR B 227 3.35 -3.12 -2.12
C TYR B 227 2.90 -4.25 -1.21
N GLU B 228 1.66 -4.70 -1.44
CA GLU B 228 1.08 -5.78 -0.64
C GLU B 228 0.17 -6.64 -1.50
N TRP B 229 0.02 -7.89 -1.07
CA TRP B 229 -0.90 -8.83 -1.69
C TRP B 229 -1.50 -9.68 -0.60
N TYR B 230 -2.82 -9.86 -0.63
CA TYR B 230 -3.58 -10.53 0.42
C TYR B 230 -3.08 -10.09 1.81
N GLN B 231 -2.95 -8.77 1.97
CA GLN B 231 -2.72 -8.12 3.25
C GLN B 231 -1.42 -8.60 3.90
N GLU B 232 -0.40 -8.86 3.07
CA GLU B 232 0.96 -9.09 3.55
C GLU B 232 1.95 -8.43 2.59
N TYR B 233 3.11 -8.03 3.14
CA TYR B 233 4.18 -7.45 2.36
C TYR B 233 5.08 -8.57 1.85
N TYR B 234 4.64 -9.22 0.76
CA TYR B 234 5.43 -10.27 0.13
C TYR B 234 6.71 -9.68 -0.45
N VAL B 235 7.79 -10.47 -0.39
CA VAL B 235 9.14 -10.02 -0.71
C VAL B 235 9.59 -10.55 -2.07
N GLY B 236 9.03 -11.69 -2.49
CA GLY B 236 9.62 -12.51 -3.55
C GLY B 236 9.10 -12.20 -4.95
N ALA B 237 9.47 -13.08 -5.89
CA ALA B 237 9.20 -12.85 -7.31
C ALA B 237 7.73 -13.00 -7.66
N ALA B 238 7.06 -14.02 -7.09
CA ALA B 238 5.72 -14.38 -7.53
C ALA B 238 4.69 -13.33 -7.11
N HIS B 239 4.80 -12.88 -5.85
CA HIS B 239 3.73 -12.07 -5.27
C HIS B 239 4.27 -10.79 -4.63
N GLY B 240 5.59 -10.54 -4.73
CA GLY B 240 6.19 -9.56 -3.85
C GLY B 240 7.09 -8.52 -4.52
N LEU B 241 7.85 -7.84 -3.65
CA LEU B 241 8.63 -6.66 -3.98
C LEU B 241 9.68 -6.98 -5.04
N ALA B 242 10.36 -8.13 -4.91
CA ALA B 242 11.46 -8.45 -5.79
C ALA B 242 10.98 -8.56 -7.24
N GLY B 243 9.78 -9.10 -7.45
CA GLY B 243 9.21 -9.21 -8.79
C GLY B 243 8.89 -7.84 -9.35
N ILE B 244 8.25 -7.02 -8.51
CA ILE B 244 7.84 -5.68 -8.92
C ILE B 244 9.07 -4.84 -9.29
N TYR B 245 10.11 -4.87 -8.43
CA TYR B 245 11.28 -4.04 -8.67
C TYR B 245 12.09 -4.55 -9.86
N TYR B 246 12.14 -5.88 -10.02
CA TYR B 246 12.77 -6.45 -11.21
C TYR B 246 12.15 -5.83 -12.46
N TYR B 247 10.83 -5.71 -12.48
CA TYR B 247 10.14 -5.11 -13.62
C TYR B 247 10.40 -3.61 -13.73
N LEU B 248 10.30 -2.88 -12.61
CA LEU B 248 10.44 -1.42 -12.69
C LEU B 248 11.84 -1.02 -13.14
N MET B 249 12.83 -1.91 -12.97
CA MET B 249 14.20 -1.62 -13.36
C MET B 249 14.48 -1.99 -14.82
N GLN B 250 13.49 -2.54 -15.53
CA GLN B 250 13.73 -3.00 -16.89
C GLN B 250 13.74 -1.81 -17.85
N PRO B 251 14.80 -1.62 -18.67
CA PRO B 251 14.78 -0.56 -19.68
C PRO B 251 13.52 -0.56 -20.55
N SER B 252 12.93 -1.75 -20.76
CA SER B 252 11.75 -1.85 -21.61
C SER B 252 10.49 -1.26 -20.97
N LEU B 253 10.53 -1.01 -19.65
CA LEU B 253 9.41 -0.33 -19.01
C LEU B 253 9.63 1.18 -18.97
N GLN B 254 10.85 1.62 -19.28
CA GLN B 254 11.18 3.03 -19.54
C GLN B 254 10.89 3.95 -18.35
N VAL B 255 11.03 3.43 -17.13
CA VAL B 255 10.92 4.29 -15.96
C VAL B 255 12.04 5.32 -16.04
N SER B 256 11.70 6.58 -15.73
CA SER B 256 12.62 7.69 -15.83
C SER B 256 13.81 7.48 -14.88
N GLN B 257 14.96 8.05 -15.24
CA GLN B 257 16.14 7.99 -14.39
C GLN B 257 15.81 8.61 -13.03
N GLY B 258 15.00 9.68 -13.07
CA GLY B 258 14.57 10.36 -11.85
C GLY B 258 13.87 9.39 -10.89
N LYS B 259 12.88 8.64 -11.41
CA LYS B 259 12.11 7.75 -10.57
C LYS B 259 12.93 6.51 -10.21
N LEU B 260 13.80 6.06 -11.12
CA LEU B 260 14.65 4.91 -10.89
CA LEU B 260 14.64 4.90 -10.88
C LEU B 260 15.52 5.14 -9.66
N HIS B 261 16.09 6.35 -9.56
CA HIS B 261 17.05 6.63 -8.50
C HIS B 261 16.35 7.10 -7.23
N SER B 262 15.27 7.89 -7.37
CA SER B 262 14.64 8.48 -6.20
C SER B 262 13.65 7.51 -5.54
N LEU B 263 13.07 6.59 -6.32
CA LEU B 263 12.04 5.71 -5.77
C LEU B 263 12.46 4.25 -5.79
N VAL B 264 12.90 3.77 -6.95
CA VAL B 264 13.12 2.34 -7.11
C VAL B 264 14.36 1.87 -6.34
N LYS B 265 15.50 2.56 -6.54
CA LYS B 265 16.75 2.10 -5.97
C LYS B 265 16.69 1.96 -4.44
N PRO B 266 16.22 2.98 -3.68
CA PRO B 266 16.16 2.83 -2.22
C PRO B 266 15.18 1.74 -1.77
N SER B 267 14.16 1.48 -2.60
CA SER B 267 13.20 0.42 -2.31
C SER B 267 13.83 -0.97 -2.50
N VAL B 268 14.65 -1.10 -3.56
CA VAL B 268 15.46 -2.28 -3.78
C VAL B 268 16.40 -2.50 -2.60
N ASP B 269 17.06 -1.41 -2.16
CA ASP B 269 18.01 -1.50 -1.05
C ASP B 269 17.30 -2.00 0.21
N TYR B 270 16.05 -1.58 0.40
CA TYR B 270 15.27 -2.05 1.54
C TYR B 270 15.11 -3.57 1.48
N VAL B 271 14.80 -4.10 0.30
CA VAL B 271 14.67 -5.54 0.13
C VAL B 271 16.00 -6.23 0.44
N CYS B 272 17.10 -5.65 -0.05
CA CYS B 272 18.43 -6.24 0.15
C CYS B 272 18.71 -6.43 1.65
N GLN B 273 18.23 -5.48 2.46
CA GLN B 273 18.48 -5.46 3.90
C GLN B 273 17.64 -6.49 4.65
N LEU B 274 16.69 -7.14 3.95
CA LEU B 274 15.84 -8.15 4.57
C LEU B 274 16.49 -9.52 4.56
N LYS B 275 17.65 -9.66 3.88
CA LYS B 275 18.27 -10.96 3.70
C LYS B 275 18.54 -11.62 5.06
N PHE B 276 18.32 -12.95 5.12
CA PHE B 276 18.67 -13.75 6.27
C PHE B 276 20.20 -13.89 6.33
N PRO B 277 20.78 -14.24 7.50
CA PRO B 277 22.22 -14.54 7.59
C PRO B 277 22.69 -15.55 6.55
N SER B 278 21.80 -16.46 6.17
CA SER B 278 22.09 -17.55 5.24
C SER B 278 22.26 -17.05 3.82
N GLY B 279 21.64 -15.89 3.52
CA GLY B 279 21.64 -15.34 2.18
C GLY B 279 20.30 -15.54 1.48
N ASN B 280 19.40 -16.29 2.14
CA ASN B 280 18.04 -16.46 1.67
C ASN B 280 17.23 -15.23 2.07
N TYR B 281 15.98 -15.14 1.58
CA TYR B 281 15.10 -14.01 1.85
C TYR B 281 13.79 -14.52 2.44
N PRO B 282 13.18 -13.77 3.38
CA PRO B 282 11.88 -14.15 3.95
C PRO B 282 10.77 -14.04 2.90
N PRO B 283 9.69 -14.86 3.00
CA PRO B 283 8.55 -14.72 2.12
C PRO B 283 7.84 -13.37 2.29
N CYS B 284 7.72 -12.91 3.54
CA CYS B 284 7.05 -11.66 3.84
C CYS B 284 7.88 -10.87 4.84
N ILE B 285 7.75 -9.54 4.81
CA ILE B 285 8.43 -8.73 5.81
C ILE B 285 7.99 -9.20 7.19
N GLY B 286 8.97 -9.45 8.06
CA GLY B 286 8.70 -9.83 9.44
C GLY B 286 8.78 -11.33 9.69
N ASP B 287 8.88 -12.13 8.62
CA ASP B 287 9.00 -13.58 8.72
C ASP B 287 10.38 -13.95 9.25
N ASN B 288 10.41 -14.80 10.28
CA ASN B 288 11.65 -15.16 10.95
C ASN B 288 12.12 -16.55 10.52
N ARG B 289 11.24 -17.30 9.83
CA ARG B 289 11.54 -18.67 9.45
C ARG B 289 12.25 -18.70 8.09
N ASP B 290 13.49 -19.18 8.10
CA ASP B 290 14.31 -19.33 6.90
C ASP B 290 14.11 -20.75 6.35
N LEU B 291 13.21 -20.90 5.37
CA LEU B 291 12.67 -22.22 5.05
C LEU B 291 12.55 -22.44 3.54
N LEU B 292 12.01 -21.45 2.81
CA LEU B 292 11.61 -21.64 1.42
C LEU B 292 12.70 -21.15 0.47
N VAL B 293 13.13 -22.06 -0.42
CA VAL B 293 14.08 -21.77 -1.47
C VAL B 293 13.39 -22.05 -2.80
N HIS B 294 12.54 -21.08 -3.19
CA HIS B 294 11.66 -21.24 -4.34
C HIS B 294 11.78 -20.00 -5.21
N TRP B 295 11.38 -20.12 -6.48
CA TRP B 295 11.17 -18.93 -7.28
C TRP B 295 10.10 -18.05 -6.64
N CYS B 296 9.01 -18.66 -6.16
CA CYS B 296 7.89 -17.86 -5.68
C CYS B 296 8.27 -17.10 -4.40
N HIS B 297 9.07 -17.74 -3.54
CA HIS B 297 9.48 -17.21 -2.25
C HIS B 297 10.92 -17.61 -1.97
N GLY B 298 11.78 -16.61 -1.73
CA GLY B 298 13.16 -16.87 -1.37
C GLY B 298 14.15 -16.55 -2.50
N ALA B 299 15.40 -17.00 -2.31
CA ALA B 299 16.54 -16.60 -3.12
C ALA B 299 16.35 -16.87 -4.62
N PRO B 300 15.76 -18.00 -5.06
CA PRO B 300 15.63 -18.26 -6.51
C PRO B 300 14.79 -17.24 -7.26
N GLY B 301 13.94 -16.48 -6.56
CA GLY B 301 13.17 -15.42 -7.19
C GLY B 301 13.79 -14.03 -6.95
N VAL B 302 14.38 -13.84 -5.76
CA VAL B 302 14.95 -12.55 -5.42
C VAL B 302 16.20 -12.27 -6.26
N ILE B 303 16.86 -13.35 -6.71
CA ILE B 303 18.09 -13.20 -7.47
C ILE B 303 17.91 -12.30 -8.70
N TYR B 304 16.73 -12.36 -9.34
CA TYR B 304 16.50 -11.59 -10.55
C TYR B 304 16.56 -10.09 -10.27
N MET B 305 15.99 -9.68 -9.14
CA MET B 305 16.03 -8.28 -8.72
C MET B 305 17.48 -7.86 -8.50
N LEU B 306 18.26 -8.72 -7.82
CA LEU B 306 19.64 -8.38 -7.49
C LEU B 306 20.48 -8.22 -8.75
N ILE B 307 20.32 -9.16 -9.70
CA ILE B 307 21.09 -9.12 -10.94
C ILE B 307 20.69 -7.89 -11.75
N GLN B 308 19.39 -7.60 -11.80
CA GLN B 308 18.92 -6.44 -12.54
C GLN B 308 19.45 -5.15 -11.90
N ALA B 309 19.48 -5.09 -10.56
CA ALA B 309 20.02 -3.94 -9.87
C ALA B 309 21.50 -3.76 -10.19
N TYR B 310 22.25 -4.88 -10.27
CA TYR B 310 23.64 -4.77 -10.67
C TYR B 310 23.76 -4.21 -12.07
N LYS B 311 22.92 -4.68 -13.00
CA LYS B 311 22.99 -4.26 -14.39
C LYS B 311 22.74 -2.75 -14.51
N VAL B 312 21.73 -2.25 -13.78
CA VAL B 312 21.21 -0.91 -13.95
CA VAL B 312 21.27 -0.90 -14.01
C VAL B 312 22.02 0.09 -13.12
N PHE B 313 22.44 -0.33 -11.92
CA PHE B 313 23.06 0.59 -10.98
C PHE B 313 24.57 0.40 -10.89
N ARG B 314 25.06 -0.78 -11.32
CA ARG B 314 26.48 -1.07 -11.46
C ARG B 314 27.19 -0.95 -10.11
N GLU B 315 26.56 -1.44 -9.05
CA GLU B 315 27.15 -1.48 -7.73
C GLU B 315 27.42 -2.92 -7.33
N GLU B 316 28.67 -3.18 -6.90
CA GLU B 316 29.19 -4.52 -6.66
C GLU B 316 28.34 -5.26 -5.63
N LYS B 317 27.75 -4.52 -4.67
CA LYS B 317 27.01 -5.12 -3.58
C LYS B 317 25.89 -6.03 -4.09
N TYR B 318 25.25 -5.62 -5.20
CA TYR B 318 24.11 -6.38 -5.71
C TYR B 318 24.60 -7.71 -6.29
N LEU B 319 25.77 -7.68 -6.94
CA LEU B 319 26.35 -8.88 -7.51
C LEU B 319 26.78 -9.82 -6.38
N CYS B 320 27.33 -9.24 -5.30
CA CYS B 320 27.74 -10.01 -4.13
CA CYS B 320 27.76 -10.03 -4.15
C CYS B 320 26.55 -10.79 -3.59
N ASP B 321 25.42 -10.09 -3.44
CA ASP B 321 24.19 -10.70 -2.95
C ASP B 321 23.71 -11.79 -3.90
N ALA B 322 23.85 -11.58 -5.20
CA ALA B 322 23.43 -12.57 -6.18
C ALA B 322 24.27 -13.82 -6.06
N TYR B 323 25.59 -13.65 -5.86
CA TYR B 323 26.48 -14.79 -5.67
C TYR B 323 26.03 -15.62 -4.47
N GLN B 324 25.63 -14.93 -3.40
CA GLN B 324 25.19 -15.59 -2.18
CA GLN B 324 25.17 -15.56 -2.16
C GLN B 324 23.89 -16.36 -2.45
N CYS B 325 22.99 -15.77 -3.25
CA CYS B 325 21.77 -16.46 -3.65
C CYS B 325 22.12 -17.80 -4.32
N ALA B 326 23.07 -17.74 -5.26
CA ALA B 326 23.46 -18.92 -6.02
C ALA B 326 24.01 -20.00 -5.10
N ASP B 327 24.73 -19.58 -4.06
CA ASP B 327 25.33 -20.52 -3.13
C ASP B 327 24.25 -21.19 -2.26
N VAL B 328 23.27 -20.41 -1.82
CA VAL B 328 22.12 -20.94 -1.09
C VAL B 328 21.42 -22.00 -1.93
N ILE B 329 21.20 -21.69 -3.22
CA ILE B 329 20.46 -22.56 -4.11
C ILE B 329 21.29 -23.82 -4.42
N TRP B 330 22.60 -23.66 -4.55
CA TRP B 330 23.47 -24.81 -4.80
C TRP B 330 23.41 -25.79 -3.63
N GLN B 331 23.30 -25.26 -2.40
CA GLN B 331 23.27 -26.11 -1.23
C GLN B 331 21.88 -26.70 -1.00
N TYR B 332 20.83 -25.89 -1.18
CA TYR B 332 19.52 -26.22 -0.66
C TYR B 332 18.42 -26.17 -1.72
N GLY B 333 18.82 -26.17 -3.00
CA GLY B 333 17.90 -25.92 -4.11
C GLY B 333 17.33 -27.17 -4.76
N LEU B 334 17.82 -28.37 -4.42
CA LEU B 334 17.21 -29.58 -4.92
C LEU B 334 16.04 -29.95 -4.01
N LEU B 335 14.83 -29.60 -4.42
CA LEU B 335 13.69 -29.56 -3.50
C LEU B 335 12.99 -30.91 -3.43
N LYS B 336 12.54 -31.25 -2.21
CA LYS B 336 11.63 -32.36 -2.00
C LYS B 336 10.29 -32.09 -2.68
N LYS B 337 9.98 -30.80 -2.90
CA LYS B 337 8.72 -30.41 -3.49
C LYS B 337 8.59 -30.96 -4.91
N GLY B 338 9.72 -31.13 -5.61
CA GLY B 338 9.70 -31.62 -6.97
C GLY B 338 10.61 -30.85 -7.92
N TYR B 339 10.31 -30.94 -9.21
CA TYR B 339 11.21 -30.52 -10.27
C TYR B 339 10.65 -29.31 -11.02
N GLY B 340 9.64 -28.68 -10.43
CA GLY B 340 8.85 -27.66 -11.12
C GLY B 340 9.55 -26.30 -11.17
N LEU B 341 8.88 -25.31 -11.80
CA LEU B 341 9.44 -23.98 -11.97
C LEU B 341 9.14 -23.08 -10.76
N CYS B 342 7.87 -23.05 -10.33
CA CYS B 342 7.45 -22.12 -9.30
C CYS B 342 8.21 -22.40 -8.00
N HIS B 343 8.31 -23.68 -7.65
CA HIS B 343 8.97 -24.11 -6.42
C HIS B 343 9.52 -25.51 -6.64
N GLY B 344 10.61 -25.58 -7.40
CA GLY B 344 11.19 -26.87 -7.74
C GLY B 344 12.58 -26.74 -8.31
N SER B 345 13.20 -27.87 -8.62
CA SER B 345 14.60 -27.91 -9.00
C SER B 345 14.85 -27.21 -10.32
N ALA B 346 13.92 -27.32 -11.28
CA ALA B 346 14.14 -26.71 -12.59
C ALA B 346 14.06 -25.18 -12.49
N GLY B 347 13.05 -24.68 -11.76
CA GLY B 347 12.96 -23.25 -11.54
C GLY B 347 14.20 -22.70 -10.82
N ASN B 348 14.71 -23.48 -9.86
CA ASN B 348 15.89 -23.08 -9.12
C ASN B 348 17.12 -23.03 -10.02
N ALA B 349 17.20 -23.96 -10.98
CA ALA B 349 18.34 -24.04 -11.88
C ALA B 349 18.44 -22.79 -12.75
N TYR B 350 17.29 -22.17 -13.05
CA TYR B 350 17.28 -20.95 -13.85
C TYR B 350 18.07 -19.83 -13.17
N ALA B 351 18.13 -19.84 -11.82
CA ALA B 351 18.89 -18.82 -11.11
C ALA B 351 20.36 -18.90 -11.51
N PHE B 352 20.87 -20.13 -11.73
CA PHE B 352 22.25 -20.30 -12.16
C PHE B 352 22.44 -19.76 -13.57
N LEU B 353 21.45 -19.99 -14.45
CA LEU B 353 21.58 -19.53 -15.83
C LEU B 353 21.58 -18.01 -15.91
N THR B 354 20.82 -17.33 -15.05
CA THR B 354 20.77 -15.87 -15.10
CA THR B 354 20.76 -15.87 -15.08
C THR B 354 22.13 -15.31 -14.66
N LEU B 355 22.73 -15.93 -13.65
CA LEU B 355 24.03 -15.50 -13.19
C LEU B 355 25.10 -15.82 -14.24
N TYR B 356 24.98 -16.99 -14.90
CA TYR B 356 25.88 -17.33 -15.99
C TYR B 356 25.80 -16.30 -17.11
N ASN B 357 24.57 -15.90 -17.46
CA ASN B 357 24.36 -15.02 -18.59
C ASN B 357 24.83 -13.60 -18.27
N LEU B 358 24.93 -13.27 -16.99
CA LEU B 358 25.49 -11.99 -16.59
C LEU B 358 27.02 -12.00 -16.64
N THR B 359 27.63 -13.08 -16.15
CA THR B 359 29.05 -13.08 -15.78
C THR B 359 29.90 -13.84 -16.80
N GLN B 360 29.27 -14.75 -17.55
CA GLN B 360 29.93 -15.71 -18.43
C GLN B 360 30.86 -16.64 -17.64
N ASP B 361 30.56 -16.79 -16.34
CA ASP B 361 31.32 -17.68 -15.47
C ASP B 361 30.76 -19.10 -15.60
N MET B 362 31.57 -20.00 -16.16
CA MET B 362 31.15 -21.34 -16.51
C MET B 362 30.74 -22.14 -15.27
N LYS B 363 31.18 -21.70 -14.09
CA LYS B 363 30.76 -22.32 -12.84
C LYS B 363 29.23 -22.40 -12.78
N TYR B 364 28.56 -21.33 -13.22
CA TYR B 364 27.12 -21.23 -13.07
C TYR B 364 26.40 -22.05 -14.13
N LEU B 365 26.99 -22.12 -15.34
CA LEU B 365 26.45 -23.03 -16.34
C LEU B 365 26.59 -24.47 -15.85
N TYR B 366 27.74 -24.81 -15.26
CA TYR B 366 27.93 -26.14 -14.69
C TYR B 366 26.85 -26.46 -13.65
N ARG B 367 26.60 -25.52 -12.72
CA ARG B 367 25.60 -25.78 -11.70
C ARG B 367 24.23 -26.06 -12.32
N ALA B 368 23.88 -25.32 -13.38
CA ALA B 368 22.61 -25.54 -14.06
C ALA B 368 22.57 -26.94 -14.69
N CYS B 369 23.70 -27.37 -15.29
CA CYS B 369 23.78 -28.66 -15.94
C CYS B 369 23.64 -29.78 -14.92
N LYS B 370 24.16 -29.56 -13.70
CA LYS B 370 24.06 -30.59 -12.68
C LYS B 370 22.62 -30.69 -12.17
N PHE B 371 21.94 -29.55 -12.05
CA PHE B 371 20.52 -29.58 -11.71
C PHE B 371 19.72 -30.27 -12.81
N ALA B 372 20.12 -30.10 -14.07
CA ALA B 372 19.50 -30.85 -15.16
C ALA B 372 19.74 -32.35 -14.98
N GLU B 373 20.97 -32.72 -14.61
CA GLU B 373 21.32 -34.11 -14.35
C GLU B 373 20.32 -34.71 -13.35
N TRP B 374 20.01 -33.94 -12.29
CA TRP B 374 19.05 -34.35 -11.29
C TRP B 374 17.68 -34.57 -11.92
N CYS B 375 17.24 -33.63 -12.77
CA CYS B 375 15.93 -33.69 -13.39
C CYS B 375 15.85 -34.86 -14.37
N LEU B 376 17.00 -35.32 -14.86
CA LEU B 376 17.04 -36.46 -15.78
C LEU B 376 16.68 -37.75 -15.04
N GLU B 377 16.73 -37.73 -13.71
CA GLU B 377 16.28 -38.85 -12.88
C GLU B 377 14.88 -38.57 -12.35
N TYR B 378 14.06 -37.85 -13.14
CA TYR B 378 12.70 -37.50 -12.77
C TYR B 378 11.96 -38.68 -12.16
N GLY B 379 11.47 -38.49 -10.92
CA GLY B 379 10.58 -39.43 -10.27
C GLY B 379 11.30 -40.48 -9.43
N GLU B 380 12.64 -40.38 -9.34
CA GLU B 380 13.43 -41.40 -8.70
C GLU B 380 13.88 -40.98 -7.30
N HIS B 381 13.36 -39.86 -6.78
CA HIS B 381 13.91 -39.27 -5.56
C HIS B 381 12.91 -39.27 -4.41
N GLY B 382 11.65 -39.61 -4.69
CA GLY B 382 10.60 -39.59 -3.70
C GLY B 382 10.01 -38.20 -3.48
N CYS B 383 10.13 -37.33 -4.50
CA CYS B 383 9.52 -36.02 -4.45
C CYS B 383 8.00 -36.16 -4.40
N ARG B 384 7.34 -35.15 -3.80
CA ARG B 384 5.88 -35.16 -3.78
C ARG B 384 5.36 -34.99 -5.20
N THR B 385 4.18 -35.54 -5.45
CA THR B 385 3.45 -35.34 -6.69
C THR B 385 2.77 -33.97 -6.63
N PRO B 386 3.00 -33.06 -7.61
CA PRO B 386 2.33 -31.76 -7.62
C PRO B 386 0.82 -31.87 -7.80
N ASP B 387 0.11 -30.80 -7.40
CA ASP B 387 -1.34 -30.72 -7.53
C ASP B 387 -1.75 -30.76 -9.00
N THR B 388 -0.94 -30.12 -9.87
CA THR B 388 -1.08 -30.26 -11.32
C THR B 388 0.23 -30.85 -11.85
N PRO B 389 0.33 -32.19 -11.92
CA PRO B 389 1.62 -32.83 -12.18
C PRO B 389 2.25 -32.56 -13.54
N PHE B 390 1.47 -31.95 -14.46
CA PHE B 390 1.90 -31.82 -15.84
C PHE B 390 1.96 -30.36 -16.29
N SER B 391 1.66 -29.43 -15.37
CA SER B 391 1.51 -28.02 -15.72
C SER B 391 2.86 -27.33 -15.93
N LEU B 392 2.81 -26.11 -16.50
CA LEU B 392 4.02 -25.34 -16.71
C LEU B 392 4.69 -24.94 -15.39
N PHE B 393 3.92 -24.50 -14.39
CA PHE B 393 4.56 -23.93 -13.21
C PHE B 393 4.63 -24.90 -12.03
N GLU B 394 3.73 -25.88 -11.95
CA GLU B 394 3.78 -26.85 -10.86
C GLU B 394 4.41 -28.16 -11.30
N GLY B 395 4.33 -28.48 -12.60
CA GLY B 395 4.61 -29.85 -13.01
C GLY B 395 5.56 -29.99 -14.20
N MET B 396 5.35 -31.08 -14.93
CA MET B 396 6.30 -31.64 -15.87
C MET B 396 6.59 -30.70 -17.04
N ALA B 397 5.56 -29.98 -17.52
CA ALA B 397 5.76 -29.08 -18.65
C ALA B 397 6.89 -28.08 -18.38
N GLY B 398 6.95 -27.58 -17.14
CA GLY B 398 8.00 -26.64 -16.77
C GLY B 398 9.39 -27.29 -16.74
N THR B 399 9.46 -28.53 -16.24
CA THR B 399 10.71 -29.26 -16.23
C THR B 399 11.21 -29.47 -17.66
N ILE B 400 10.30 -29.85 -18.56
CA ILE B 400 10.63 -30.05 -19.96
C ILE B 400 11.09 -28.72 -20.56
N TYR B 401 10.39 -27.63 -20.23
CA TYR B 401 10.73 -26.31 -20.73
C TYR B 401 12.19 -26.03 -20.42
N PHE B 402 12.58 -26.23 -19.15
CA PHE B 402 13.93 -25.95 -18.71
C PHE B 402 14.95 -26.79 -19.48
N LEU B 403 14.68 -28.11 -19.61
CA LEU B 403 15.65 -29.00 -20.23
C LEU B 403 15.89 -28.59 -21.68
N ALA B 404 14.82 -28.17 -22.36
CA ALA B 404 14.92 -27.75 -23.76
C ALA B 404 15.61 -26.39 -23.87
N ASP B 405 15.39 -25.53 -22.86
CA ASP B 405 15.97 -24.19 -22.85
C ASP B 405 17.48 -24.28 -22.63
N LEU B 406 17.90 -25.31 -21.89
CA LEU B 406 19.31 -25.48 -21.55
C LEU B 406 20.14 -25.81 -22.80
N LEU B 407 19.48 -26.30 -23.87
CA LEU B 407 20.18 -26.71 -25.07
C LEU B 407 20.98 -25.54 -25.69
N VAL B 408 20.45 -24.32 -25.52
CA VAL B 408 21.16 -23.11 -25.93
C VAL B 408 21.19 -22.16 -24.74
N PRO B 409 22.16 -22.32 -23.81
CA PRO B 409 22.11 -21.63 -22.52
C PRO B 409 22.05 -20.11 -22.57
N THR B 410 22.69 -19.50 -23.59
CA THR B 410 22.78 -18.05 -23.65
C THR B 410 21.40 -17.45 -23.93
N LYS B 411 20.50 -18.26 -24.49
CA LYS B 411 19.18 -17.78 -24.87
C LYS B 411 18.13 -18.18 -23.83
N ALA B 412 18.53 -18.96 -22.82
CA ALA B 412 17.58 -19.49 -21.83
C ALA B 412 17.06 -18.35 -20.95
N ARG B 413 15.76 -18.40 -20.65
CA ARG B 413 15.11 -17.41 -19.80
C ARG B 413 13.99 -18.11 -19.02
N PHE B 414 13.89 -17.80 -17.72
CA PHE B 414 12.80 -18.35 -16.93
C PHE B 414 11.49 -17.92 -17.59
N PRO B 415 10.63 -18.87 -18.02
CA PRO B 415 9.46 -18.52 -18.82
C PRO B 415 8.40 -17.75 -18.03
N ALA B 416 7.62 -16.94 -18.76
CA ALA B 416 6.51 -16.18 -18.19
C ALA B 416 7.01 -15.27 -17.06
N PHE B 417 8.26 -14.81 -17.14
CA PHE B 417 8.79 -13.95 -16.09
C PHE B 417 10.01 -13.17 -16.54
N GLU B 418 11.06 -13.89 -16.94
CA GLU B 418 12.35 -13.25 -17.12
C GLU B 418 12.41 -12.55 -18.48
N LEU B 419 12.98 -11.35 -18.49
CA LEU B 419 13.05 -10.58 -19.71
C LEU B 419 14.45 -10.67 -20.33
ZN ZN C . -8.80 13.98 4.28
N1 GSH D . -8.74 7.46 1.08
CA1 GSH D . -9.79 8.51 1.00
C1 GSH D . -11.16 7.89 1.32
O11 GSH D . -11.98 8.60 1.90
O12 GSH D . -11.35 6.73 0.95
CB1 GSH D . -9.84 9.13 -0.40
CG1 GSH D . -8.70 10.11 -0.67
CD1 GSH D . -9.00 11.51 -0.18
OE1 GSH D . -10.12 12.00 -0.24
N2 GSH D . -7.95 12.20 0.28
CA2 GSH D . -8.03 13.56 0.77
C2 GSH D . -8.06 14.62 -0.33
O2 GSH D . -8.28 15.79 -0.03
CB2 GSH D . -6.88 13.87 1.71
SG2 GSH D . -6.93 12.90 3.25
N3 GSH D . -7.85 14.22 -1.58
CA3 GSH D . -7.68 15.16 -2.67
C3 GSH D . -8.94 15.42 -3.49
O31 GSH D . -10.03 15.15 -2.96
O32 GSH D . -8.78 15.92 -4.62
ZN ZN E . 5.41 -21.52 -5.83
N1 GSH F . 0.09 -26.32 -5.28
CA1 GSH F . 1.54 -26.56 -5.06
C1 GSH F . 1.99 -27.76 -5.89
O11 GSH F . 1.17 -28.67 -6.04
O12 GSH F . 3.15 -27.76 -6.33
CB1 GSH F . 1.81 -26.86 -3.59
CG1 GSH F . 1.78 -25.61 -2.70
CD1 GSH F . 3.08 -24.84 -2.72
OE1 GSH F . 4.17 -25.39 -2.79
N2 GSH F . 2.96 -23.51 -2.63
CA2 GSH F . 4.11 -22.60 -2.58
C2 GSH F . 4.79 -22.47 -1.23
O2 GSH F . 5.85 -21.87 -1.15
CB2 GSH F . 3.72 -21.22 -3.09
SG2 GSH F . 3.22 -21.17 -4.82
N3 GSH F . 4.18 -23.02 -0.17
CA3 GSH F . 4.66 -22.83 1.18
C3 GSH F . 5.54 -23.96 1.69
O31 GSH F . 5.67 -24.05 2.93
O32 GSH F . 6.09 -24.72 0.86
#